data_7KBL
#
_entry.id   7KBL
#
_cell.length_a   67.496
_cell.length_b   125.154
_cell.length_c   125.949
_cell.angle_alpha   90.000
_cell.angle_beta   90.000
_cell.angle_gamma   90.000
#
_symmetry.space_group_name_H-M   'P 21 21 21'
#
loop_
_entity.id
_entity.type
_entity.pdbx_description
1 polymer '2-oxoglutarate carboxylase small subunit'
2 non-polymer 'BICARBONATE ION'
3 water water
#
_entity_poly.entity_id   1
_entity_poly.type   'polypeptide(L)'
_entity_poly.pdbx_seq_one_letter_code
;MKHHHHHHAMFKKVLVANRGEIACRVIRACKELGIQTVAIYNEIESTARHVKMADEAYMIGVNPLDTYLNAERIVDLALE
VGAEAIHPGYGFLAENEHFARLCEEKGITFIGPHWKVIELMGDKARSKEVMKRAGVPTVPGSDGILKDVEEAKRIAKEIG
YPVLLKASAGGGGRGIRICRNEEELVRNYENAYNEAVKAFGRGDLLLEKYIENPKHIEFQVLGDKYGNVIHLGERDCSIQ
RRNQKLVEIAPSLLLTPEQREYYGSLVVKAAKEIGYYSAGTMEFIADEKGNLYFIEMNTRIQVEHPVTEMITGVDIVKWQ
IRIAAGERLRYSQEDIRFNGYSIECRINAEDPKKGFAPSIGTIERYYVPGGFGIRVEHASSKGYEITPYYDSLIAKLIVW
APLWEVAVDRMRSALETYEISGVKTTIPLLINIMKDKDFRDGKFTTRYLEEHPHVFDYAEHRDKEDFVAFISAVIASYHG
L
;
_entity_poly.pdbx_strand_id   A,B
#
# COMPACT_ATOMS: atom_id res chain seq x y z
N ALA A 9 -15.20 14.97 22.02
CA ALA A 9 -14.31 16.10 21.79
C ALA A 9 -13.50 15.94 20.50
N MET A 10 -13.85 14.98 19.62
CA MET A 10 -13.17 14.88 18.32
C MET A 10 -13.59 16.04 17.41
N PHE A 11 -12.60 16.66 16.78
CA PHE A 11 -12.87 17.83 15.96
C PHE A 11 -13.85 17.51 14.84
N LYS A 12 -14.68 18.51 14.51
CA LYS A 12 -15.59 18.44 13.38
C LYS A 12 -14.94 18.95 12.13
N LYS A 13 -14.03 19.90 12.29
CA LYS A 13 -13.41 20.57 11.15
C LYS A 13 -11.98 20.90 11.49
N VAL A 14 -11.05 20.56 10.60
CA VAL A 14 -9.63 20.85 10.79
C VAL A 14 -9.12 21.62 9.59
N LEU A 15 -8.30 22.64 9.84
CA LEU A 15 -7.69 23.43 8.78
C LEU A 15 -6.24 22.98 8.66
N VAL A 16 -5.81 22.70 7.43
CA VAL A 16 -4.47 22.18 7.14
C VAL A 16 -3.63 23.33 6.61
N ALA A 17 -2.71 23.83 7.43
CA ALA A 17 -1.93 25.01 7.08
C ALA A 17 -0.64 24.63 6.37
N ASN A 18 -0.80 23.94 5.25
CA ASN A 18 0.33 23.44 4.49
C ASN A 18 -0.17 23.05 3.11
N ARG A 19 0.72 22.48 2.30
CA ARG A 19 0.43 22.18 0.92
C ARG A 19 1.09 20.84 0.57
N GLY A 20 0.83 20.41 -0.66
CA GLY A 20 1.57 19.30 -1.23
C GLY A 20 1.25 17.99 -0.55
N GLU A 21 2.26 17.12 -0.54
CA GLU A 21 2.08 15.76 -0.10
C GLU A 21 1.69 15.69 1.39
N ILE A 22 2.26 16.56 2.24
CA ILE A 22 1.95 16.45 3.66
C ILE A 22 0.53 16.92 3.94
N ALA A 23 0.06 17.92 3.17
CA ALA A 23 -1.33 18.32 3.27
C ALA A 23 -2.26 17.19 2.86
N CYS A 24 -1.93 16.47 1.78
CA CYS A 24 -2.77 15.35 1.37
C CYS A 24 -2.77 14.28 2.44
N ARG A 25 -1.60 14.00 3.02
CA ARG A 25 -1.46 13.04 4.09
C ARG A 25 -2.36 13.35 5.28
N VAL A 26 -2.38 14.63 5.71
CA VAL A 26 -3.23 15.05 6.83
C VAL A 26 -4.71 14.98 6.44
N ILE A 27 -5.04 15.42 5.23
CA ILE A 27 -6.41 15.39 4.79
C ILE A 27 -6.92 13.96 4.78
N ARG A 28 -6.08 13.00 4.36
CA ARG A 28 -6.50 11.60 4.34
C ARG A 28 -6.75 11.09 5.76
N ALA A 29 -5.83 11.39 6.69
CA ALA A 29 -6.08 11.02 8.09
C ALA A 29 -7.40 11.60 8.60
N CYS A 30 -7.69 12.85 8.26
CA CYS A 30 -8.91 13.48 8.69
C CYS A 30 -10.15 12.81 8.09
N LYS A 31 -10.15 12.55 6.77
CA LYS A 31 -11.29 11.89 6.13
C LYS A 31 -11.56 10.55 6.77
N GLU A 32 -10.50 9.78 7.04
CA GLU A 32 -10.67 8.50 7.70
C GLU A 32 -11.28 8.67 9.09
N LEU A 33 -10.90 9.73 9.80
CA LEU A 33 -11.51 10.01 11.11
C LEU A 33 -12.91 10.63 11.01
N GLY A 34 -13.39 10.96 9.81
CA GLY A 34 -14.69 11.60 9.69
C GLY A 34 -14.70 13.08 9.97
N ILE A 35 -13.58 13.77 9.78
CA ILE A 35 -13.41 15.20 10.07
C ILE A 35 -13.51 16.00 8.77
N GLN A 36 -14.28 17.08 8.79
CA GLN A 36 -14.27 18.01 7.67
C GLN A 36 -12.94 18.76 7.60
N THR A 37 -12.52 19.10 6.39
CA THR A 37 -11.18 19.65 6.16
C THR A 37 -11.25 20.99 5.41
N VAL A 38 -10.31 21.88 5.74
CA VAL A 38 -10.15 23.17 5.06
C VAL A 38 -8.73 23.26 4.52
N ALA A 39 -8.59 23.58 3.23
CA ALA A 39 -7.30 23.82 2.61
C ALA A 39 -7.09 25.31 2.42
N ILE A 40 -5.84 25.72 2.40
CA ILE A 40 -5.48 27.07 2.01
C ILE A 40 -4.50 26.96 0.86
N TYR A 41 -4.57 27.90 -0.08
CA TYR A 41 -3.69 27.87 -1.24
C TYR A 41 -3.49 29.25 -1.82
N ASN A 42 -2.41 29.39 -2.58
CA ASN A 42 -2.09 30.57 -3.36
C ASN A 42 -2.57 30.41 -4.79
N GLU A 43 -2.86 31.56 -5.42
CA GLU A 43 -3.47 31.62 -6.75
C GLU A 43 -2.69 30.82 -7.79
N ILE A 44 -1.39 30.65 -7.60
CA ILE A 44 -0.58 29.89 -8.56
C ILE A 44 -0.82 28.39 -8.45
N GLU A 45 -1.67 27.98 -7.49
CA GLU A 45 -1.97 26.59 -7.16
C GLU A 45 -3.46 26.34 -7.17
N SER A 46 -4.17 26.91 -8.12
CA SER A 46 -5.62 26.76 -8.09
C SER A 46 -6.03 25.29 -8.23
N THR A 47 -5.21 24.50 -8.91
CA THR A 47 -5.48 23.11 -9.24
C THR A 47 -4.78 22.11 -8.31
N ALA A 48 -4.18 22.58 -7.22
CA ALA A 48 -3.37 21.70 -6.39
C ALA A 48 -4.21 20.52 -5.87
N ARG A 49 -3.54 19.38 -5.71
CA ARG A 49 -4.20 18.18 -5.23
C ARG A 49 -4.87 18.42 -3.87
N HIS A 50 -4.16 19.08 -2.94
CA HIS A 50 -4.73 19.20 -1.60
C HIS A 50 -5.94 20.10 -1.60
N VAL A 51 -6.02 21.01 -2.56
CA VAL A 51 -7.24 21.81 -2.72
C VAL A 51 -8.39 20.90 -3.13
N LYS A 52 -8.16 20.04 -4.12
CA LYS A 52 -9.20 19.14 -4.59
C LYS A 52 -9.61 18.15 -3.51
N MET A 53 -8.69 17.66 -2.68
CA MET A 53 -9.06 16.62 -1.72
C MET A 53 -9.84 17.16 -0.53
N ALA A 54 -9.68 18.44 -0.23
CA ALA A 54 -10.29 18.99 0.98
C ALA A 54 -11.75 19.30 0.72
N ASP A 55 -12.51 19.36 1.81
CA ASP A 55 -13.94 19.67 1.67
C ASP A 55 -14.18 21.13 1.34
N GLU A 56 -13.22 22.00 1.67
CA GLU A 56 -13.34 23.45 1.67
C GLU A 56 -11.97 24.02 1.37
N ALA A 57 -11.89 25.04 0.53
CA ALA A 57 -10.59 25.64 0.26
C ALA A 57 -10.68 27.14 -0.02
N TYR A 58 -9.66 27.87 0.44
CA TYR A 58 -9.61 29.31 0.38
C TYR A 58 -8.29 29.79 -0.21
N MET A 59 -8.38 30.66 -1.23
CA MET A 59 -7.23 31.32 -1.82
C MET A 59 -6.89 32.52 -0.94
N ILE A 60 -5.70 32.52 -0.34
CA ILE A 60 -5.24 33.64 0.46
C ILE A 60 -3.77 33.90 0.14
N GLY A 61 -3.30 35.06 0.59
CA GLY A 61 -1.90 35.40 0.57
C GLY A 61 -1.48 36.33 -0.55
N VAL A 62 -0.61 37.29 -0.23
CA VAL A 62 -0.21 38.28 -1.23
C VAL A 62 0.95 37.76 -2.05
N ASN A 63 1.57 36.65 -1.66
CA ASN A 63 2.57 35.98 -2.48
C ASN A 63 2.64 34.52 -2.04
N PRO A 64 3.36 33.67 -2.79
CA PRO A 64 3.26 32.22 -2.55
C PRO A 64 3.65 31.80 -1.15
N LEU A 65 4.62 32.44 -0.52
CA LEU A 65 4.96 32.08 0.85
C LEU A 65 4.01 32.69 1.85
N ASP A 66 3.49 33.89 1.59
CA ASP A 66 2.60 34.54 2.56
C ASP A 66 1.37 33.70 2.85
N THR A 67 0.96 32.87 1.88
CA THR A 67 -0.20 32.00 2.05
C THR A 67 -0.06 31.15 3.30
N TYR A 68 1.12 30.56 3.49
CA TYR A 68 1.36 29.61 4.55
C TYR A 68 2.14 30.18 5.74
N LEU A 69 2.64 31.42 5.64
CA LEU A 69 3.48 32.00 6.70
C LEU A 69 2.83 33.13 7.49
N ASN A 70 1.69 33.64 7.05
CA ASN A 70 1.01 34.73 7.73
C ASN A 70 0.12 34.11 8.81
N ALA A 71 0.70 33.97 10.01
CA ALA A 71 -0.02 33.36 11.11
C ALA A 71 -1.39 33.99 11.39
N GLU A 72 -1.46 35.32 11.40
CA GLU A 72 -2.72 35.94 11.82
C GLU A 72 -3.83 35.69 10.81
N ARG A 73 -3.54 35.78 9.52
CA ARG A 73 -4.58 35.53 8.52
C ARG A 73 -5.09 34.09 8.61
N ILE A 74 -4.20 33.16 8.93
CA ILE A 74 -4.59 31.75 8.98
C ILE A 74 -5.46 31.48 10.20
N VAL A 75 -5.06 31.99 11.37
CA VAL A 75 -5.88 31.81 12.57
C VAL A 75 -7.24 32.46 12.42
N ASP A 76 -7.27 33.69 11.86
CA ASP A 76 -8.54 34.37 11.63
C ASP A 76 -9.42 33.59 10.66
N LEU A 77 -8.81 32.97 9.63
CA LEU A 77 -9.61 32.14 8.74
C LEU A 77 -10.18 30.92 9.47
N ALA A 78 -9.37 30.27 10.31
CA ALA A 78 -9.89 29.14 11.08
C ALA A 78 -11.12 29.55 11.88
N LEU A 79 -11.04 30.67 12.59
CA LEU A 79 -12.20 31.10 13.38
C LEU A 79 -13.38 31.41 12.48
N GLU A 80 -13.13 32.10 11.36
CA GLU A 80 -14.17 32.45 10.39
C GLU A 80 -14.96 31.24 9.92
N VAL A 81 -14.28 30.17 9.50
CA VAL A 81 -14.98 29.01 8.91
C VAL A 81 -15.35 27.97 9.95
N GLY A 82 -15.08 28.24 11.23
CA GLY A 82 -15.45 27.28 12.26
C GLY A 82 -14.56 26.06 12.36
N ALA A 83 -13.27 26.18 12.06
CA ALA A 83 -12.34 25.08 12.27
C ALA A 83 -11.85 25.09 13.69
N GLU A 84 -11.95 23.95 14.36
CA GLU A 84 -11.55 23.86 15.75
C GLU A 84 -10.04 23.69 15.91
N ALA A 85 -9.34 23.23 14.88
CA ALA A 85 -7.94 22.89 15.03
C ALA A 85 -7.23 23.14 13.72
N ILE A 86 -5.92 23.34 13.84
CA ILE A 86 -5.04 23.54 12.70
C ILE A 86 -3.96 22.46 12.76
N HIS A 87 -3.78 21.74 11.65
CA HIS A 87 -2.61 20.91 11.55
C HIS A 87 -1.57 21.64 10.73
N PRO A 88 -0.35 21.82 11.21
CA PRO A 88 0.60 22.65 10.47
C PRO A 88 1.50 21.88 9.51
N GLY A 89 1.50 20.54 9.56
CA GLY A 89 2.34 19.76 8.68
C GLY A 89 3.79 19.84 9.12
N TYR A 90 4.70 19.97 8.15
CA TYR A 90 6.09 20.26 8.44
C TYR A 90 6.51 21.48 7.61
N GLY A 91 7.61 22.10 8.02
CA GLY A 91 8.01 23.37 7.41
C GLY A 91 7.00 24.45 7.76
N PHE A 92 7.08 25.53 7.01
CA PHE A 92 6.27 26.72 7.22
C PHE A 92 6.18 27.07 8.71
N LEU A 93 5.00 27.01 9.31
CA LEU A 93 4.75 27.47 10.67
C LEU A 93 4.75 26.34 11.69
N ALA A 94 5.18 25.14 11.29
CA ALA A 94 5.01 23.97 12.14
C ALA A 94 5.74 24.12 13.46
N GLU A 95 6.94 24.71 13.43
CA GLU A 95 7.78 24.92 14.61
C GLU A 95 7.91 26.39 14.94
N ASN A 96 6.85 27.16 14.65
CA ASN A 96 6.78 28.58 14.95
C ASN A 96 5.96 28.77 16.22
N GLU A 97 6.66 29.08 17.30
CA GLU A 97 5.99 29.20 18.60
C GLU A 97 4.92 30.27 18.57
N HIS A 98 5.14 31.35 17.82
CA HIS A 98 4.18 32.44 17.82
C HIS A 98 2.89 32.00 17.14
N PHE A 99 3.01 31.20 16.10
CA PHE A 99 1.80 30.71 15.46
C PHE A 99 0.99 29.85 16.45
N ALA A 100 1.67 28.96 17.18
CA ALA A 100 0.99 28.07 18.13
C ALA A 100 0.38 28.84 19.31
N ARG A 101 1.11 29.81 19.85
CA ARG A 101 0.57 30.66 20.90
C ARG A 101 -0.64 31.42 20.41
N LEU A 102 -0.58 31.89 19.17
CA LEU A 102 -1.69 32.65 18.64
C LEU A 102 -2.94 31.76 18.53
N CYS A 103 -2.76 30.48 18.16
CA CYS A 103 -3.87 29.53 18.13
C CYS A 103 -4.46 29.37 19.54
N GLU A 104 -3.60 29.13 20.53
CA GLU A 104 -4.08 28.95 21.90
C GLU A 104 -4.82 30.20 22.39
N GLU A 105 -4.32 31.38 22.05
CA GLU A 105 -4.96 32.60 22.54
C GLU A 105 -6.33 32.82 21.94
N LYS A 106 -6.58 32.31 20.74
CA LYS A 106 -7.84 32.56 20.06
C LYS A 106 -8.76 31.37 20.15
N GLY A 107 -8.42 30.37 20.97
CA GLY A 107 -9.28 29.23 21.15
C GLY A 107 -9.22 28.17 20.05
N ILE A 108 -8.17 28.19 19.20
CA ILE A 108 -7.91 27.17 18.18
C ILE A 108 -6.91 26.16 18.74
N THR A 109 -7.22 24.88 18.60
CA THR A 109 -6.29 23.83 18.98
C THR A 109 -5.24 23.67 17.89
N PHE A 110 -3.98 23.82 18.26
CA PHE A 110 -2.83 23.59 17.40
C PHE A 110 -2.45 22.12 17.51
N ILE A 111 -2.31 21.43 16.36
CA ILE A 111 -2.02 20.00 16.40
C ILE A 111 -0.51 19.88 16.45
N GLY A 112 -0.02 19.79 17.67
CA GLY A 112 1.39 19.75 17.92
C GLY A 112 1.65 19.93 19.39
N PRO A 113 2.92 20.00 19.76
CA PRO A 113 3.27 20.22 21.15
C PRO A 113 2.92 21.65 21.52
N HIS A 114 2.90 21.87 22.82
CA HIS A 114 2.59 23.18 23.38
C HIS A 114 3.61 24.20 22.89
N TRP A 115 3.15 25.44 22.68
CA TRP A 115 4.02 26.44 22.11
C TRP A 115 5.27 26.67 22.96
N LYS A 116 5.19 26.50 24.29
CA LYS A 116 6.37 26.71 25.11
C LYS A 116 7.43 25.64 24.85
N VAL A 117 7.00 24.42 24.53
CA VAL A 117 7.95 23.38 24.15
C VAL A 117 8.59 23.69 22.79
N ILE A 118 7.82 24.22 21.84
CA ILE A 118 8.34 24.62 20.53
C ILE A 118 9.40 25.71 20.68
N GLU A 119 9.12 26.71 21.52
CA GLU A 119 10.11 27.73 21.80
C GLU A 119 11.37 27.11 22.42
N LEU A 120 11.19 26.27 23.43
CA LEU A 120 12.31 25.64 24.11
C LEU A 120 13.22 24.87 23.14
N MET A 121 12.65 23.92 22.40
CA MET A 121 13.47 23.01 21.63
C MET A 121 13.88 23.59 20.28
N GLY A 122 13.40 24.78 19.93
CA GLY A 122 13.99 25.54 18.83
C GLY A 122 15.29 26.23 19.17
N ASP A 123 15.69 26.22 20.46
CA ASP A 123 16.87 26.93 20.95
C ASP A 123 18.00 25.92 21.17
N LYS A 124 19.11 26.10 20.44
CA LYS A 124 20.20 25.15 20.51
C LYS A 124 20.69 24.95 21.95
N ALA A 125 20.95 26.05 22.65
CA ALA A 125 21.57 25.97 23.97
C ALA A 125 20.57 25.45 25.03
N ARG A 126 19.34 25.94 24.99
CA ARG A 126 18.33 25.37 25.87
C ARG A 126 18.11 23.90 25.56
N SER A 127 18.13 23.53 24.29
CA SER A 127 17.91 22.13 23.92
C SER A 127 19.02 21.25 24.49
N LYS A 128 20.26 21.70 24.36
CA LYS A 128 21.39 20.99 24.94
C LYS A 128 21.19 20.77 26.44
N GLU A 129 20.76 21.80 27.16
CA GLU A 129 20.66 21.64 28.61
C GLU A 129 19.53 20.68 28.96
N VAL A 130 18.45 20.72 28.18
CA VAL A 130 17.38 19.72 28.36
C VAL A 130 17.96 18.32 28.33
N MET A 131 18.80 18.06 27.34
CA MET A 131 19.36 16.72 27.18
C MET A 131 20.42 16.42 28.26
N LYS A 132 21.18 17.43 28.71
CA LYS A 132 22.13 17.21 29.80
C LYS A 132 21.41 16.76 31.08
N ARG A 133 20.27 17.39 31.41
CA ARG A 133 19.53 16.99 32.60
C ARG A 133 18.87 15.62 32.41
N ALA A 134 18.40 15.30 31.20
CA ALA A 134 17.76 13.99 31.01
C ALA A 134 18.77 12.85 30.95
N GLY A 135 20.06 13.14 30.77
CA GLY A 135 21.01 12.08 30.59
C GLY A 135 21.24 11.69 29.15
N VAL A 136 20.72 12.44 28.19
CA VAL A 136 20.92 12.11 26.78
C VAL A 136 22.27 12.68 26.35
N PRO A 137 23.19 11.84 25.87
CA PRO A 137 24.52 12.35 25.50
C PRO A 137 24.47 13.40 24.41
N THR A 138 25.37 14.37 24.53
CA THR A 138 25.59 15.40 23.52
C THR A 138 27.03 15.33 23.03
N VAL A 139 27.30 16.08 21.97
CA VAL A 139 28.66 16.08 21.38
C VAL A 139 29.61 16.79 22.35
N PRO A 140 30.71 16.16 22.75
CA PRO A 140 31.62 16.85 23.68
C PRO A 140 32.30 18.06 23.02
N GLY A 141 32.50 19.09 23.83
CA GLY A 141 33.11 20.32 23.37
C GLY A 141 32.91 21.45 24.37
N SER A 142 33.06 22.67 23.87
CA SER A 142 32.97 23.87 24.70
C SER A 142 31.61 23.91 25.41
N ASP A 143 31.60 24.44 26.65
CA ASP A 143 30.36 24.55 27.45
C ASP A 143 29.74 25.95 27.33
N GLY A 144 29.49 26.33 26.06
CA GLY A 144 29.09 27.67 25.63
C GLY A 144 30.09 28.32 24.66
N ILE A 145 30.05 29.66 24.53
CA ILE A 145 30.97 30.34 23.62
C ILE A 145 32.37 30.31 24.20
N LEU A 146 33.37 30.17 23.31
CA LEU A 146 34.77 30.20 23.72
C LEU A 146 35.19 31.60 24.18
N LYS A 147 35.74 31.70 25.40
CA LYS A 147 36.21 32.99 25.90
C LYS A 147 37.26 33.60 24.97
N ASP A 148 38.18 32.78 24.48
CA ASP A 148 39.35 33.25 23.72
C ASP A 148 39.98 32.03 23.05
N VAL A 149 41.14 32.22 22.42
CA VAL A 149 41.94 31.09 21.91
C VAL A 149 42.57 30.27 23.05
N GLU A 150 42.98 30.91 24.16
CA GLU A 150 43.56 30.14 25.28
C GLU A 150 42.58 29.09 25.80
N GLU A 151 41.33 29.52 26.10
CA GLU A 151 40.30 28.61 26.63
C GLU A 151 40.01 27.50 25.62
N ALA A 152 40.00 27.84 24.33
CA ALA A 152 39.88 26.82 23.31
C ALA A 152 41.02 25.81 23.41
N LYS A 153 42.24 26.29 23.69
CA LYS A 153 43.39 25.39 23.85
C LYS A 153 43.12 24.37 24.95
N ARG A 154 42.66 24.85 26.12
CA ARG A 154 42.37 23.91 27.20
C ARG A 154 41.29 22.90 26.76
N ILE A 155 40.17 23.40 26.22
CA ILE A 155 39.02 22.54 25.91
C ILE A 155 39.39 21.46 24.90
N ALA A 156 40.20 21.81 23.89
CA ALA A 156 40.68 20.81 22.92
C ALA A 156 41.53 19.75 23.60
N LYS A 157 42.49 20.18 24.45
CA LYS A 157 43.28 19.19 25.19
C LYS A 157 42.35 18.21 25.92
N GLU A 158 41.33 18.75 26.61
CA GLU A 158 40.48 17.92 27.47
C GLU A 158 39.59 16.95 26.68
N ILE A 159 39.07 17.33 25.50
CA ILE A 159 38.08 16.48 24.83
C ILE A 159 38.66 15.55 23.76
N GLY A 160 39.88 15.80 23.28
CA GLY A 160 40.50 14.87 22.34
C GLY A 160 40.37 15.24 20.87
N TYR A 161 41.46 15.05 20.10
CA TYR A 161 41.40 15.35 18.69
C TYR A 161 40.67 14.23 17.96
N PRO A 162 40.05 14.52 16.81
CA PRO A 162 39.99 15.86 16.19
C PRO A 162 38.87 16.76 16.76
N VAL A 163 38.87 18.04 16.38
CA VAL A 163 37.91 19.02 16.89
C VAL A 163 37.49 19.96 15.74
N LEU A 164 36.44 20.76 15.99
CA LEU A 164 35.86 21.69 15.02
C LEU A 164 35.66 23.06 15.68
N LEU A 165 35.80 24.14 14.88
CA LEU A 165 35.36 25.49 15.28
C LEU A 165 34.14 25.89 14.44
N LYS A 166 33.08 26.41 15.08
CA LYS A 166 31.85 26.84 14.41
C LYS A 166 31.31 28.11 15.04
N ALA A 167 30.77 29.02 14.24
CA ALA A 167 30.24 30.29 14.75
C ALA A 167 28.86 30.14 15.41
N SER A 168 28.62 30.95 16.44
CA SER A 168 27.32 31.00 17.12
C SER A 168 26.31 31.77 16.28
N ARG A 177 35.13 23.82 9.44
CA ARG A 177 36.60 23.74 9.33
C ARG A 177 37.21 22.92 10.48
N ILE A 178 37.87 21.82 10.10
CA ILE A 178 38.39 20.82 11.04
C ILE A 178 39.73 21.27 11.60
N CYS A 179 39.93 21.03 12.90
CA CYS A 179 41.14 21.38 13.65
C CYS A 179 41.65 20.13 14.36
N ARG A 180 42.84 19.63 13.94
CA ARG A 180 43.40 18.39 14.45
C ARG A 180 44.56 18.57 15.42
N ASN A 181 45.26 19.71 15.39
CA ASN A 181 46.42 19.98 16.25
C ASN A 181 46.57 21.49 16.49
N GLU A 182 47.54 21.85 17.35
CA GLU A 182 47.62 23.22 17.87
C GLU A 182 47.85 24.24 16.76
N GLU A 183 48.71 23.91 15.78
CA GLU A 183 48.98 24.85 14.70
C GLU A 183 47.69 25.23 13.98
N GLU A 184 47.00 24.21 13.47
CA GLU A 184 45.71 24.41 12.84
C GLU A 184 44.77 25.17 13.76
N LEU A 185 44.88 24.94 15.06
CA LEU A 185 43.99 25.60 16.01
C LEU A 185 44.04 27.11 15.86
N VAL A 186 45.19 27.73 16.14
CA VAL A 186 45.27 29.18 16.05
C VAL A 186 45.03 29.65 14.62
N ARG A 187 45.70 28.99 13.65
CA ARG A 187 45.61 29.42 12.25
C ARG A 187 44.15 29.58 11.82
N ASN A 188 43.34 28.55 12.10
CA ASN A 188 41.91 28.63 11.76
C ASN A 188 41.12 29.55 12.72
N TYR A 189 41.60 29.75 13.94
CA TYR A 189 40.83 30.57 14.89
C TYR A 189 40.90 32.07 14.60
N GLU A 190 42.07 32.64 14.32
CA GLU A 190 42.09 34.06 13.99
C GLU A 190 41.18 34.32 12.79
N ASN A 191 41.48 33.62 11.68
CA ASN A 191 40.76 33.80 10.42
C ASN A 191 39.26 33.55 10.61
N ALA A 192 38.89 32.58 11.45
CA ALA A 192 37.48 32.21 11.64
C ALA A 192 36.71 33.20 12.53
N TYR A 193 37.36 33.71 13.58
CA TYR A 193 36.76 34.82 14.33
C TYR A 193 36.48 35.99 13.40
N ASN A 194 37.44 36.29 12.50
CA ASN A 194 37.28 37.43 11.60
C ASN A 194 36.23 37.18 10.54
N GLU A 195 36.22 35.97 9.95
CA GLU A 195 35.26 35.63 8.90
C GLU A 195 33.83 35.63 9.43
N ALA A 196 33.64 35.24 10.71
CA ALA A 196 32.30 35.31 11.31
C ALA A 196 31.92 36.73 11.76
N VAL A 197 32.91 37.58 12.11
CA VAL A 197 32.64 39.01 12.31
C VAL A 197 32.12 39.64 11.00
N LYS A 198 32.80 39.34 9.88
CA LYS A 198 32.37 39.83 8.56
C LYS A 198 30.87 39.60 8.30
N ALA A 199 30.38 38.37 8.54
CA ALA A 199 29.06 37.90 8.08
C ALA A 199 27.89 38.11 9.06
N PHE A 200 28.04 37.73 10.34
CA PHE A 200 26.91 37.75 11.26
C PHE A 200 27.04 38.87 12.28
N GLY A 201 28.13 39.63 12.25
CA GLY A 201 28.39 40.73 13.16
C GLY A 201 29.02 40.33 14.48
N ARG A 202 29.17 39.04 14.74
CA ARG A 202 29.59 38.54 16.05
C ARG A 202 30.57 37.39 15.82
N GLY A 203 31.78 37.51 16.39
CA GLY A 203 32.85 36.55 16.21
C GLY A 203 32.77 35.28 17.06
N ASP A 204 31.80 35.17 17.97
CA ASP A 204 31.74 34.06 18.93
C ASP A 204 31.80 32.69 18.25
N LEU A 205 32.79 31.90 18.64
CA LEU A 205 33.02 30.55 18.13
C LEU A 205 32.79 29.53 19.25
N LEU A 206 32.31 28.36 18.88
CA LEU A 206 32.22 27.18 19.71
C LEU A 206 33.16 26.12 19.16
N LEU A 207 33.62 25.24 20.04
CA LEU A 207 34.43 24.10 19.62
C LEU A 207 33.67 22.80 19.89
N GLU A 208 33.89 21.79 19.04
CA GLU A 208 33.17 20.52 19.11
C GLU A 208 34.09 19.35 18.79
N LYS A 209 33.92 18.21 19.46
CA LYS A 209 34.62 17.01 19.03
C LYS A 209 34.16 16.63 17.63
N TYR A 210 35.13 16.31 16.76
CA TYR A 210 34.85 15.90 15.38
C TYR A 210 34.61 14.39 15.34
N ILE A 211 33.38 14.00 14.95
CA ILE A 211 33.00 12.58 14.81
C ILE A 211 33.25 12.19 13.36
N GLU A 212 34.22 11.30 13.13
CA GLU A 212 34.59 10.86 11.80
C GLU A 212 33.66 9.74 11.32
N ASN A 213 33.29 9.75 10.02
CA ASN A 213 32.43 8.75 9.36
C ASN A 213 31.09 8.60 10.09
N PRO A 214 30.32 9.71 10.23
CA PRO A 214 29.11 9.67 11.06
C PRO A 214 27.88 9.22 10.29
N LYS A 215 26.99 8.55 11.01
CA LYS A 215 25.62 8.25 10.59
C LYS A 215 24.63 9.23 11.20
N HIS A 216 23.49 9.40 10.51
CA HIS A 216 22.35 10.17 11.02
C HIS A 216 21.33 9.18 11.55
N ILE A 217 21.00 9.29 12.84
CA ILE A 217 20.07 8.38 13.48
C ILE A 217 19.07 9.22 14.26
N GLU A 218 17.79 8.93 14.06
CA GLU A 218 16.71 9.72 14.61
C GLU A 218 15.76 8.82 15.36
N PHE A 219 15.29 9.30 16.50
CA PHE A 219 14.28 8.58 17.24
C PHE A 219 12.97 9.33 17.19
N GLN A 220 11.91 8.57 17.04
CA GLN A 220 10.56 9.07 16.97
C GLN A 220 9.93 8.96 18.34
N VAL A 221 9.29 10.03 18.80
CA VAL A 221 8.50 10.00 20.04
C VAL A 221 7.09 10.42 19.72
N LEU A 222 6.16 9.92 20.55
CA LEU A 222 4.74 10.24 20.47
C LEU A 222 4.18 10.26 21.89
N GLY A 223 3.59 11.37 22.28
CA GLY A 223 3.06 11.53 23.64
C GLY A 223 1.66 12.09 23.62
N ASP A 224 0.87 11.65 24.59
CA ASP A 224 -0.44 12.25 24.80
C ASP A 224 -0.37 13.34 25.88
N LYS A 225 -1.47 14.04 26.05
CA LYS A 225 -1.57 15.14 26.99
C LYS A 225 -1.77 14.67 28.43
N TYR A 226 -1.46 13.42 28.74
CA TYR A 226 -1.64 12.87 30.07
C TYR A 226 -0.34 12.30 30.59
N GLY A 227 0.78 12.72 30.02
CA GLY A 227 2.05 12.26 30.47
C GLY A 227 2.50 10.93 29.92
N ASN A 228 1.71 10.27 29.10
CA ASN A 228 2.12 9.00 28.52
C ASN A 228 2.88 9.27 27.22
N VAL A 229 4.13 8.79 27.18
CA VAL A 229 5.01 9.04 26.05
C VAL A 229 5.71 7.74 25.70
N ILE A 230 5.75 7.44 24.40
CA ILE A 230 6.38 6.23 23.86
C ILE A 230 7.35 6.67 22.78
N HIS A 231 8.27 5.79 22.45
CA HIS A 231 9.11 5.97 21.28
C HIS A 231 8.72 4.91 20.25
N LEU A 232 8.98 5.20 18.98
CA LEU A 232 8.67 4.32 17.86
C LEU A 232 9.95 3.96 17.13
N GLY A 233 10.99 3.66 17.89
CA GLY A 233 12.25 3.30 17.34
C GLY A 233 12.90 4.43 16.56
N GLU A 234 13.82 4.02 15.70
CA GLU A 234 14.72 4.93 15.06
C GLU A 234 14.66 4.79 13.56
N ARG A 235 15.30 5.74 12.90
CA ARG A 235 15.47 5.77 11.46
C ARG A 235 16.91 6.14 11.18
N ASP A 236 17.47 5.61 10.07
CA ASP A 236 18.76 6.05 9.54
C ASP A 236 18.54 6.84 8.27
N CYS A 237 18.92 8.10 8.33
CA CYS A 237 18.73 9.03 7.23
C CYS A 237 20.08 9.53 6.78
N SER A 238 21.09 8.65 6.82
CA SER A 238 22.46 9.06 6.49
C SER A 238 22.63 9.46 5.02
N ILE A 239 21.90 8.86 4.08
CA ILE A 239 22.06 9.13 2.65
C ILE A 239 21.44 10.50 2.36
N GLN A 240 22.30 11.52 2.32
CA GLN A 240 21.89 12.91 2.30
C GLN A 240 23.00 13.73 1.66
N ARG A 241 22.62 14.92 1.18
CA ARG A 241 23.55 15.91 0.64
C ARG A 241 23.21 17.28 1.20
N ARG A 242 24.22 17.95 1.78
CA ARG A 242 24.02 19.30 2.30
C ARG A 242 22.84 19.32 3.27
N ASN A 243 22.74 18.24 4.05
CA ASN A 243 21.68 17.93 5.01
C ASN A 243 20.29 17.72 4.42
N GLN A 244 20.15 17.61 3.10
CA GLN A 244 18.87 17.24 2.50
C GLN A 244 18.84 15.73 2.37
N LYS A 245 17.91 15.11 3.08
CA LYS A 245 17.80 13.66 3.08
C LYS A 245 17.25 13.16 1.75
N LEU A 246 17.83 12.07 1.28
CA LEU A 246 17.38 11.44 0.05
C LEU A 246 16.85 10.05 0.29
N VAL A 247 17.49 9.29 1.19
CA VAL A 247 17.05 7.93 1.48
C VAL A 247 16.97 7.79 2.99
N GLU A 248 15.88 7.22 3.46
CA GLU A 248 15.65 7.01 4.88
C GLU A 248 15.21 5.58 5.14
N ILE A 249 15.74 4.95 6.18
CA ILE A 249 15.37 3.57 6.48
C ILE A 249 14.91 3.46 7.93
N ALA A 250 14.11 2.44 8.19
CA ALA A 250 13.76 2.13 9.53
C ALA A 250 13.63 0.62 9.65
N PRO A 251 14.11 0.01 10.74
CA PRO A 251 14.94 0.63 11.75
C PRO A 251 16.32 0.77 11.18
N SER A 252 17.26 1.30 11.93
CA SER A 252 18.63 1.24 11.45
C SER A 252 19.09 -0.22 11.41
N LEU A 253 20.14 -0.45 10.65
CA LEU A 253 20.88 -1.69 10.77
C LEU A 253 21.96 -1.56 11.83
N LEU A 254 22.27 -0.34 12.22
CA LEU A 254 23.34 -0.06 13.18
C LEU A 254 23.00 -0.61 14.55
N LEU A 255 21.81 -0.31 15.05
CA LEU A 255 21.51 -0.57 16.43
C LEU A 255 20.92 -1.96 16.60
N THR A 256 21.28 -2.56 17.73
CA THR A 256 20.69 -3.78 18.24
C THR A 256 19.41 -3.45 18.97
N PRO A 257 18.57 -4.46 19.24
CA PRO A 257 17.37 -4.19 20.07
C PRO A 257 17.67 -3.57 21.42
N GLU A 258 18.81 -3.89 22.02
CA GLU A 258 19.13 -3.35 23.35
C GLU A 258 19.50 -1.89 23.23
N GLN A 259 20.36 -1.55 22.28
CA GLN A 259 20.64 -0.14 22.02
C GLN A 259 19.35 0.62 21.70
N ARG A 260 18.48 0.04 20.86
CA ARG A 260 17.23 0.72 20.48
C ARG A 260 16.39 1.08 21.69
N GLU A 261 16.25 0.14 22.65
CA GLU A 261 15.43 0.41 23.84
C GLU A 261 16.14 1.32 24.82
N TYR A 262 17.48 1.32 24.80
CA TYR A 262 18.25 2.16 25.70
C TYR A 262 18.11 3.63 25.30
N TYR A 263 18.40 3.93 24.04
CA TYR A 263 18.23 5.28 23.51
C TYR A 263 16.76 5.70 23.47
N GLY A 264 15.87 4.80 23.05
CA GLY A 264 14.45 5.11 23.11
C GLY A 264 14.00 5.51 24.52
N SER A 265 14.43 4.75 25.53
CA SER A 265 14.13 5.11 26.93
C SER A 265 14.62 6.51 27.24
N LEU A 266 15.85 6.82 26.84
CA LEU A 266 16.40 8.14 27.15
C LEU A 266 15.58 9.27 26.49
N VAL A 267 15.18 9.11 25.21
CA VAL A 267 14.44 10.21 24.57
C VAL A 267 13.05 10.31 25.17
N VAL A 268 12.46 9.18 25.57
CA VAL A 268 11.20 9.26 26.30
C VAL A 268 11.38 10.04 27.59
N LYS A 269 12.50 9.81 28.27
CA LYS A 269 12.73 10.46 29.55
C LYS A 269 12.85 11.96 29.36
N ALA A 270 13.62 12.39 28.35
CA ALA A 270 13.71 13.80 28.03
C ALA A 270 12.34 14.40 27.69
N ALA A 271 11.55 13.71 26.88
CA ALA A 271 10.26 14.26 26.48
C ALA A 271 9.35 14.44 27.70
N LYS A 272 9.35 13.46 28.58
CA LYS A 272 8.52 13.55 29.78
C LYS A 272 8.97 14.73 30.64
N GLU A 273 10.28 14.95 30.73
CA GLU A 273 10.81 16.05 31.53
C GLU A 273 10.41 17.41 30.99
N ILE A 274 10.22 17.53 29.68
CA ILE A 274 9.72 18.79 29.14
C ILE A 274 8.22 18.80 28.95
N GLY A 275 7.55 17.70 29.26
CA GLY A 275 6.12 17.67 29.07
C GLY A 275 5.71 17.59 27.63
N TYR A 276 6.52 16.95 26.79
CA TYR A 276 6.23 16.84 25.37
C TYR A 276 4.94 16.06 25.08
N TYR A 277 4.14 16.60 24.17
CA TYR A 277 3.09 15.79 23.55
C TYR A 277 3.04 16.06 22.06
N SER A 278 2.27 15.21 21.39
CA SER A 278 2.20 15.07 19.94
C SER A 278 3.41 14.27 19.48
N ALA A 279 3.77 14.42 18.21
CA ALA A 279 4.86 13.72 17.58
C ALA A 279 6.10 14.60 17.63
N GLY A 280 7.26 13.97 17.79
CA GLY A 280 8.51 14.69 17.69
C GLY A 280 9.67 13.77 17.39
N THR A 281 10.75 14.36 16.93
CA THR A 281 11.91 13.58 16.53
C THR A 281 13.18 14.11 17.19
N MET A 282 13.96 13.21 17.75
CA MET A 282 15.28 13.54 18.27
C MET A 282 16.32 13.04 17.28
N GLU A 283 17.03 13.96 16.65
CA GLU A 283 18.10 13.66 15.71
C GLU A 283 19.45 13.62 16.41
N PHE A 284 20.20 12.56 16.10
CA PHE A 284 21.53 12.25 16.59
C PHE A 284 22.51 12.01 15.44
N ILE A 285 23.82 12.26 15.72
CA ILE A 285 24.91 11.69 14.93
C ILE A 285 25.42 10.48 15.68
N ALA A 286 25.91 9.49 14.95
CA ALA A 286 26.38 8.26 15.55
C ALA A 286 27.73 7.91 14.96
N ASP A 287 28.61 7.38 15.81
CA ASP A 287 29.97 6.98 15.46
C ASP A 287 29.99 5.48 15.13
N GLU A 288 31.16 5.01 14.70
CA GLU A 288 31.24 3.65 14.12
C GLU A 288 30.57 2.60 15.01
N LYS A 289 30.62 2.79 16.33
CA LYS A 289 30.30 1.73 17.29
C LYS A 289 28.85 1.74 17.74
N GLY A 290 28.07 2.74 17.32
CA GLY A 290 26.72 2.87 17.82
C GLY A 290 26.58 3.81 19.02
N ASN A 291 27.60 4.64 19.28
CA ASN A 291 27.48 5.74 20.22
C ASN A 291 26.73 6.87 19.56
N LEU A 292 25.72 7.40 20.24
CA LEU A 292 24.94 8.52 19.74
C LEU A 292 25.20 9.79 20.55
N TYR A 293 25.12 10.90 19.83
CA TYR A 293 25.23 12.24 20.39
C TYR A 293 24.08 13.06 19.83
N PHE A 294 23.35 13.72 20.74
CA PHE A 294 22.14 14.45 20.37
C PHE A 294 22.50 15.69 19.61
N ILE A 295 21.76 15.97 18.52
CA ILE A 295 21.94 17.16 17.70
C ILE A 295 20.78 18.13 17.86
N GLU A 296 19.56 17.68 17.57
CA GLU A 296 18.44 18.62 17.66
C GLU A 296 17.15 17.84 17.62
N MET A 297 16.09 18.52 18.05
CA MET A 297 14.75 17.94 18.08
C MET A 297 13.86 18.76 17.17
N ASN A 298 13.11 18.03 16.32
CA ASN A 298 12.02 18.58 15.55
C ASN A 298 10.72 18.35 16.29
N THR A 299 9.98 19.43 16.55
CA THR A 299 8.77 19.40 17.35
C THR A 299 7.55 19.44 16.43
N ARG A 300 7.49 18.42 15.60
CA ARG A 300 6.55 18.35 14.51
C ARG A 300 6.67 16.95 13.94
N ILE A 301 5.75 16.64 13.02
CA ILE A 301 5.85 15.44 12.21
C ILE A 301 7.10 15.49 11.37
N GLN A 302 7.74 14.34 11.23
CA GLN A 302 8.88 14.19 10.37
C GLN A 302 8.44 13.87 8.93
N VAL A 303 9.20 14.35 7.94
CA VAL A 303 8.93 14.04 6.53
C VAL A 303 8.88 12.53 6.33
N GLU A 304 9.87 11.83 6.83
CA GLU A 304 10.05 10.42 6.61
C GLU A 304 9.35 9.56 7.65
N HIS A 305 8.33 10.09 8.32
CA HIS A 305 7.55 9.29 9.26
C HIS A 305 7.00 8.00 8.68
N PRO A 306 6.69 7.88 7.36
CA PRO A 306 6.07 6.62 6.92
C PRO A 306 6.91 5.39 7.17
N VAL A 307 8.23 5.45 7.04
CA VAL A 307 8.99 4.23 7.24
C VAL A 307 8.77 3.69 8.65
N THR A 308 8.60 4.58 9.63
CA THR A 308 8.30 4.17 10.99
C THR A 308 6.90 3.57 11.10
N GLU A 309 5.91 4.21 10.47
CA GLU A 309 4.58 3.62 10.39
C GLU A 309 4.66 2.21 9.83
N MET A 310 5.48 2.01 8.79
CA MET A 310 5.44 0.71 8.15
C MET A 310 5.95 -0.37 9.09
N ILE A 311 6.92 -0.03 9.94
CA ILE A 311 7.50 -1.10 10.76
C ILE A 311 6.80 -1.25 12.10
N THR A 312 5.98 -0.29 12.52
CA THR A 312 5.34 -0.41 13.83
C THR A 312 3.84 -0.63 13.78
N GLY A 313 3.20 -0.33 12.64
CA GLY A 313 1.75 -0.35 12.55
C GLY A 313 1.07 0.88 13.10
N VAL A 314 1.81 1.86 13.61
CA VAL A 314 1.23 3.06 14.22
C VAL A 314 1.03 4.16 13.20
N ASP A 315 -0.19 4.68 13.14
CA ASP A 315 -0.51 5.82 12.28
C ASP A 315 -0.18 7.10 13.06
N ILE A 316 0.99 7.69 12.78
CA ILE A 316 1.49 8.80 13.57
C ILE A 316 0.64 10.06 13.39
N VAL A 317 0.34 10.42 12.14
CA VAL A 317 -0.44 11.64 11.85
C VAL A 317 -1.85 11.54 12.45
N LYS A 318 -2.52 10.39 12.27
CA LYS A 318 -3.86 10.25 12.80
C LYS A 318 -3.82 10.30 14.32
N TRP A 319 -2.73 9.81 14.92
CA TRP A 319 -2.57 9.91 16.36
C TRP A 319 -2.27 11.32 16.81
N GLN A 320 -1.57 12.12 16.01
CA GLN A 320 -1.46 13.54 16.33
C GLN A 320 -2.83 14.15 16.48
N ILE A 321 -3.72 13.87 15.52
CA ILE A 321 -5.05 14.44 15.55
C ILE A 321 -5.83 13.95 16.79
N ARG A 322 -5.77 12.65 17.09
CA ARG A 322 -6.49 12.10 18.24
C ARG A 322 -5.97 12.68 19.55
N ILE A 323 -4.64 12.81 19.66
CA ILE A 323 -4.01 13.37 20.86
C ILE A 323 -4.43 14.82 21.06
N ALA A 324 -4.44 15.61 19.98
CA ALA A 324 -4.82 17.02 20.08
C ALA A 324 -6.26 17.19 20.53
N ALA A 325 -7.14 16.26 20.15
CA ALA A 325 -8.53 16.30 20.60
C ALA A 325 -8.72 15.72 22.00
N GLY A 326 -7.66 15.27 22.68
CA GLY A 326 -7.78 14.84 24.05
C GLY A 326 -7.83 13.35 24.29
N GLU A 327 -7.68 12.52 23.27
CA GLU A 327 -7.59 11.08 23.53
C GLU A 327 -6.29 10.70 24.22
N ARG A 328 -6.36 9.60 24.96
CA ARG A 328 -5.19 8.94 25.52
C ARG A 328 -4.53 8.09 24.44
N LEU A 329 -3.22 8.08 24.45
CA LEU A 329 -2.48 7.17 23.61
C LEU A 329 -2.68 5.73 24.09
N ARG A 330 -3.30 4.91 23.23
CA ARG A 330 -3.61 3.51 23.53
C ARG A 330 -2.45 2.59 23.14
N TYR A 331 -1.31 2.80 23.81
CA TYR A 331 -0.14 1.93 23.67
C TYR A 331 0.73 2.09 24.90
N SER A 332 1.35 0.99 25.30
CA SER A 332 2.53 0.99 26.15
C SER A 332 3.73 0.62 25.30
N GLN A 333 4.93 0.90 25.82
CA GLN A 333 6.15 0.63 25.07
C GLN A 333 6.30 -0.84 24.75
N GLU A 334 5.74 -1.72 25.59
CA GLU A 334 5.76 -3.17 25.36
C GLU A 334 4.96 -3.58 24.14
N ASP A 335 3.99 -2.77 23.70
CA ASP A 335 3.22 -3.08 22.49
C ASP A 335 3.97 -2.75 21.21
N ILE A 336 5.00 -1.92 21.29
CA ILE A 336 5.65 -1.39 20.11
C ILE A 336 6.69 -2.40 19.67
N ARG A 337 6.44 -3.00 18.51
CA ARG A 337 7.33 -3.99 17.95
C ARG A 337 7.85 -3.45 16.62
N PHE A 338 9.00 -3.94 16.22
CA PHE A 338 9.66 -3.46 15.01
C PHE A 338 9.73 -4.67 14.10
N ASN A 339 8.92 -4.64 13.05
CA ASN A 339 8.73 -5.77 12.16
C ASN A 339 9.21 -5.38 10.77
N GLY A 340 10.28 -6.04 10.31
CA GLY A 340 10.78 -5.84 8.97
C GLY A 340 11.58 -4.57 8.77
N TYR A 341 11.69 -4.16 7.51
CA TYR A 341 12.46 -3.00 7.13
C TYR A 341 11.70 -2.17 6.11
N SER A 342 11.82 -0.85 6.24
CA SER A 342 11.11 0.09 5.38
C SER A 342 12.10 1.10 4.90
N ILE A 343 12.06 1.37 3.61
CA ILE A 343 12.89 2.34 2.92
C ILE A 343 11.97 3.36 2.27
N GLU A 344 12.35 4.61 2.41
CA GLU A 344 11.71 5.72 1.72
C GLU A 344 12.76 6.40 0.88
N CYS A 345 12.36 6.79 -0.31
CA CYS A 345 13.18 7.61 -1.17
C CYS A 345 12.43 8.87 -1.48
N ARG A 346 13.14 9.99 -1.43
CA ARG A 346 12.55 11.27 -1.84
C ARG A 346 12.77 11.45 -3.33
N ILE A 347 11.68 11.58 -4.05
CA ILE A 347 11.68 11.80 -5.49
C ILE A 347 11.45 13.29 -5.69
N ASN A 348 12.57 13.99 -5.95
CA ASN A 348 12.63 15.43 -6.07
C ASN A 348 12.81 15.84 -7.52
N ALA A 349 12.20 16.96 -7.87
CA ALA A 349 12.43 17.64 -9.12
C ALA A 349 13.73 18.43 -9.00
N GLU A 350 14.85 17.71 -9.08
CA GLU A 350 16.13 18.39 -9.08
C GLU A 350 17.15 17.54 -9.83
N ASP A 351 18.26 18.17 -10.20
CA ASP A 351 19.21 17.52 -11.09
C ASP A 351 20.49 17.16 -10.34
N PRO A 352 20.68 15.89 -9.98
CA PRO A 352 21.87 15.50 -9.18
C PRO A 352 23.18 15.65 -9.93
N LYS A 353 23.15 15.64 -11.27
CA LYS A 353 24.33 15.87 -12.09
C LYS A 353 24.78 17.34 -12.02
N LYS A 354 23.89 18.27 -11.66
CA LYS A 354 24.25 19.67 -11.50
C LYS A 354 24.05 20.13 -10.05
N GLY A 355 24.67 19.42 -9.10
CA GLY A 355 24.60 19.83 -7.72
C GLY A 355 23.20 19.85 -7.13
N PHE A 356 22.26 19.06 -7.68
CA PHE A 356 20.88 18.95 -7.20
C PHE A 356 20.10 20.26 -7.39
N ALA A 357 20.48 21.04 -8.39
CA ALA A 357 19.79 22.28 -8.67
C ALA A 357 18.32 22.00 -9.04
N PRO A 358 17.37 22.77 -8.51
CA PRO A 358 15.98 22.48 -8.83
C PRO A 358 15.74 22.51 -10.33
N SER A 359 14.81 21.67 -10.77
CA SER A 359 14.49 21.45 -12.17
C SER A 359 13.07 21.91 -12.38
N ILE A 360 12.89 23.17 -12.77
CA ILE A 360 11.54 23.73 -12.85
C ILE A 360 11.00 23.45 -14.25
N GLY A 361 9.68 23.29 -14.32
CA GLY A 361 9.03 22.72 -15.47
C GLY A 361 7.69 22.10 -15.08
N THR A 362 7.15 21.31 -15.99
CA THR A 362 5.82 20.73 -15.88
C THR A 362 5.88 19.22 -16.12
N ILE A 363 5.28 18.45 -15.21
CA ILE A 363 5.27 17.00 -15.36
C ILE A 363 4.43 16.62 -16.58
N GLU A 364 4.98 15.74 -17.42
CA GLU A 364 4.25 15.24 -18.57
C GLU A 364 3.84 13.79 -18.32
N ARG A 365 4.67 12.81 -18.63
CA ARG A 365 4.35 11.42 -18.33
C ARG A 365 4.54 11.11 -16.84
N TYR A 366 3.63 10.30 -16.29
CA TYR A 366 3.54 10.11 -14.84
C TYR A 366 2.80 8.81 -14.53
N TYR A 367 3.55 7.78 -14.19
CA TYR A 367 3.01 6.50 -13.77
C TYR A 367 3.47 6.21 -12.34
N VAL A 368 2.52 6.04 -11.43
CA VAL A 368 2.79 5.71 -10.03
C VAL A 368 2.87 4.19 -9.93
N PRO A 369 3.96 3.63 -9.43
CA PRO A 369 3.98 2.21 -9.17
C PRO A 369 3.14 1.85 -7.95
N GLY A 370 2.62 0.62 -7.98
CA GLY A 370 1.94 0.06 -6.84
C GLY A 370 2.22 -1.42 -6.75
N GLY A 371 1.85 -1.98 -5.62
CA GLY A 371 2.01 -3.40 -5.44
C GLY A 371 2.08 -3.74 -3.97
N PHE A 372 2.37 -5.01 -3.74
CA PHE A 372 2.63 -5.56 -2.43
C PHE A 372 3.82 -4.87 -1.77
N GLY A 373 3.61 -4.29 -0.59
CA GLY A 373 4.70 -3.67 0.12
C GLY A 373 5.09 -2.33 -0.41
N ILE A 374 4.25 -1.70 -1.21
CA ILE A 374 4.54 -0.41 -1.80
C ILE A 374 3.49 0.59 -1.33
N ARG A 375 3.97 1.78 -1.01
CA ARG A 375 3.17 2.90 -0.55
C ARG A 375 3.69 4.16 -1.24
N VAL A 376 2.78 5.04 -1.63
CA VAL A 376 3.16 6.28 -2.28
C VAL A 376 2.52 7.47 -1.58
N GLU A 377 3.35 8.46 -1.27
CA GLU A 377 2.91 9.74 -0.71
C GLU A 377 3.17 10.81 -1.77
N HIS A 378 2.13 11.36 -2.37
CA HIS A 378 2.34 12.29 -3.47
C HIS A 378 1.08 13.13 -3.69
N ALA A 379 1.27 14.18 -4.47
CA ALA A 379 0.24 15.16 -4.77
C ALA A 379 0.32 15.58 -6.23
N SER A 380 0.86 14.72 -7.08
CA SER A 380 1.10 15.06 -8.48
C SER A 380 0.24 14.21 -9.43
N SER A 381 -0.05 14.81 -10.59
CA SER A 381 -0.62 14.19 -11.81
C SER A 381 0.08 14.83 -13.01
N LYS A 382 -0.25 14.40 -14.22
CA LYS A 382 0.21 15.12 -15.41
C LYS A 382 -0.17 16.59 -15.29
N GLY A 383 0.74 17.49 -15.68
CA GLY A 383 0.46 18.91 -15.62
C GLY A 383 0.88 19.59 -14.33
N TYR A 384 1.34 18.84 -13.35
CA TYR A 384 1.82 19.44 -12.13
C TYR A 384 3.06 20.26 -12.45
N GLU A 385 3.06 21.50 -11.97
CA GLU A 385 4.07 22.49 -12.35
C GLU A 385 5.00 22.68 -11.16
N ILE A 386 6.29 22.46 -11.38
CA ILE A 386 7.28 22.66 -10.33
C ILE A 386 7.71 24.12 -10.38
N THR A 387 7.38 24.87 -9.34
CA THR A 387 7.73 26.28 -9.27
C THR A 387 8.97 26.45 -8.41
N PRO A 388 9.60 27.63 -8.48
CA PRO A 388 10.72 27.93 -7.58
C PRO A 388 10.32 28.37 -6.17
N TYR A 389 9.03 28.56 -5.90
CA TYR A 389 8.60 29.13 -4.64
C TYR A 389 8.56 28.07 -3.56
N TYR A 390 8.38 26.81 -3.94
CA TYR A 390 8.15 25.73 -2.99
C TYR A 390 9.20 24.66 -3.19
N ASP A 391 9.27 23.76 -2.23
CA ASP A 391 10.28 22.70 -2.30
C ASP A 391 10.06 21.85 -3.54
N SER A 392 11.08 21.07 -3.87
CA SER A 392 11.15 20.32 -5.10
C SER A 392 10.52 18.92 -5.03
N LEU A 393 9.92 18.53 -3.89
CA LEU A 393 9.49 17.15 -3.65
C LEU A 393 8.32 16.77 -4.56
N ILE A 394 8.49 15.73 -5.37
CA ILE A 394 7.35 15.22 -6.13
C ILE A 394 6.61 14.13 -5.38
N ALA A 395 7.36 13.17 -4.84
CA ALA A 395 6.72 12.03 -4.24
C ALA A 395 7.67 11.41 -3.25
N LYS A 396 7.11 10.72 -2.28
CA LYS A 396 7.87 9.85 -1.42
C LYS A 396 7.44 8.44 -1.76
N LEU A 397 8.40 7.64 -2.16
CA LEU A 397 8.15 6.25 -2.48
C LEU A 397 8.63 5.45 -1.29
N ILE A 398 7.73 4.67 -0.70
CA ILE A 398 8.01 3.90 0.51
C ILE A 398 7.73 2.43 0.26
N VAL A 399 8.65 1.59 0.69
CA VAL A 399 8.44 0.16 0.62
C VAL A 399 8.74 -0.43 1.99
N TRP A 400 8.24 -1.66 2.15
CA TRP A 400 8.42 -2.51 3.30
C TRP A 400 8.63 -3.94 2.85
N ALA A 401 9.50 -4.66 3.53
CA ALA A 401 9.60 -6.10 3.36
C ALA A 401 10.05 -6.70 4.67
N PRO A 402 9.84 -8.01 4.87
CA PRO A 402 10.32 -8.64 6.13
C PRO A 402 11.83 -8.63 6.26
N LEU A 403 12.56 -8.57 5.14
CA LEU A 403 14.01 -8.68 5.13
C LEU A 403 14.62 -7.50 4.42
N TRP A 404 15.75 -7.02 4.95
CA TRP A 404 16.43 -5.84 4.39
C TRP A 404 16.68 -5.98 2.90
N GLU A 405 17.22 -7.14 2.47
CA GLU A 405 17.64 -7.31 1.08
C GLU A 405 16.43 -7.24 0.13
N VAL A 406 15.30 -7.84 0.54
CA VAL A 406 14.08 -7.76 -0.24
C VAL A 406 13.56 -6.33 -0.27
N ALA A 407 13.68 -5.60 0.84
CA ALA A 407 13.25 -4.21 0.78
C ALA A 407 14.06 -3.46 -0.26
N VAL A 408 15.36 -3.68 -0.31
CA VAL A 408 16.16 -3.01 -1.32
C VAL A 408 15.71 -3.42 -2.72
N ASP A 409 15.47 -4.71 -2.95
CA ASP A 409 15.01 -5.14 -4.29
C ASP A 409 13.66 -4.53 -4.63
N ARG A 410 12.77 -4.43 -3.64
CA ARG A 410 11.44 -3.88 -3.87
C ARG A 410 11.50 -2.40 -4.19
N MET A 411 12.37 -1.65 -3.50
CA MET A 411 12.55 -0.25 -3.85
C MET A 411 13.21 -0.10 -5.20
N ARG A 412 14.24 -0.88 -5.48
CA ARG A 412 14.84 -0.81 -6.80
C ARG A 412 13.79 -1.08 -7.87
N SER A 413 12.97 -2.11 -7.67
CA SER A 413 11.98 -2.45 -8.68
C SER A 413 10.86 -1.43 -8.76
N ALA A 414 10.50 -0.78 -7.64
CA ALA A 414 9.50 0.28 -7.68
C ALA A 414 10.05 1.52 -8.40
N LEU A 415 11.25 1.95 -8.04
CA LEU A 415 11.92 3.06 -8.71
C LEU A 415 12.07 2.84 -10.21
N GLU A 416 12.42 1.61 -10.63
CA GLU A 416 12.60 1.35 -12.06
C GLU A 416 11.30 1.44 -12.86
N THR A 417 10.15 1.42 -12.20
CA THR A 417 8.86 1.50 -12.91
C THR A 417 8.18 2.83 -12.67
N TYR A 418 8.77 3.70 -11.85
CA TYR A 418 8.21 5.03 -11.57
C TYR A 418 8.63 5.98 -12.69
N GLU A 419 7.73 6.26 -13.63
CA GLU A 419 8.03 7.06 -14.81
C GLU A 419 7.61 8.52 -14.64
N ILE A 420 8.58 9.44 -14.69
CA ILE A 420 8.31 10.86 -14.64
C ILE A 420 9.10 11.52 -15.74
N SER A 421 8.41 12.29 -16.59
CA SER A 421 9.04 13.11 -17.61
C SER A 421 8.53 14.54 -17.44
N GLY A 422 9.21 15.48 -18.13
CA GLY A 422 8.93 16.89 -18.04
C GLY A 422 9.90 17.66 -17.15
N VAL A 423 10.53 16.97 -16.20
CA VAL A 423 11.55 17.55 -15.34
C VAL A 423 12.55 16.46 -15.06
N LYS A 424 13.73 16.86 -14.63
CA LYS A 424 14.69 15.93 -14.08
C LYS A 424 14.31 15.59 -12.64
N THR A 425 14.71 14.39 -12.21
CA THR A 425 14.37 13.92 -10.88
C THR A 425 15.54 13.15 -10.33
N THR A 426 15.44 12.79 -9.06
CA THR A 426 16.42 11.95 -8.41
C THR A 426 16.27 10.47 -8.71
N ILE A 427 15.34 10.07 -9.56
CA ILE A 427 15.08 8.64 -9.75
C ILE A 427 16.32 7.89 -10.21
N PRO A 428 17.00 8.28 -11.29
CA PRO A 428 18.18 7.49 -11.71
C PRO A 428 19.25 7.37 -10.63
N LEU A 429 19.51 8.46 -9.90
CA LEU A 429 20.42 8.37 -8.76
C LEU A 429 19.93 7.36 -7.72
N LEU A 430 18.64 7.36 -7.42
CA LEU A 430 18.16 6.44 -6.39
C LEU A 430 18.29 5.00 -6.83
N ILE A 431 18.02 4.72 -8.11
CA ILE A 431 18.18 3.36 -8.64
C ILE A 431 19.62 2.91 -8.46
N ASN A 432 20.57 3.76 -8.86
CA ASN A 432 21.97 3.37 -8.68
C ASN A 432 22.30 3.12 -7.21
N ILE A 433 21.76 3.94 -6.30
CA ILE A 433 22.05 3.70 -4.88
C ILE A 433 21.50 2.35 -4.46
N MET A 434 20.27 2.00 -4.92
CA MET A 434 19.69 0.71 -4.58
C MET A 434 20.50 -0.48 -5.11
N LYS A 435 21.13 -0.34 -6.27
CA LYS A 435 21.93 -1.47 -6.75
C LYS A 435 23.41 -1.43 -6.32
N ASP A 436 23.86 -0.42 -5.57
CA ASP A 436 25.25 -0.34 -5.13
C ASP A 436 25.50 -1.33 -3.99
N LYS A 437 26.61 -2.07 -4.11
CA LYS A 437 26.95 -3.14 -3.17
C LYS A 437 27.10 -2.62 -1.73
N ASP A 438 27.80 -1.52 -1.58
CA ASP A 438 27.97 -0.95 -0.24
C ASP A 438 26.61 -0.67 0.39
N PHE A 439 25.73 0.00 -0.34
CA PHE A 439 24.41 0.31 0.20
C PHE A 439 23.68 -0.96 0.59
N ARG A 440 23.67 -1.97 -0.28
CA ARG A 440 22.99 -3.22 0.04
C ARG A 440 23.53 -3.87 1.30
N ASP A 441 24.83 -3.70 1.58
CA ASP A 441 25.44 -4.30 2.76
C ASP A 441 25.31 -3.43 4.03
N GLY A 442 24.53 -2.36 3.99
CA GLY A 442 24.41 -1.49 5.13
C GLY A 442 25.58 -0.55 5.34
N LYS A 443 26.50 -0.46 4.38
CA LYS A 443 27.74 0.32 4.55
C LYS A 443 27.58 1.72 3.98
N PHE A 444 27.03 2.63 4.79
CA PHE A 444 26.87 4.01 4.34
C PHE A 444 26.87 4.98 5.52
N THR A 445 27.51 6.13 5.33
CA THR A 445 27.57 7.25 6.27
C THR A 445 27.01 8.49 5.58
N THR A 446 26.95 9.59 6.30
CA THR A 446 26.57 10.85 5.68
C THR A 446 27.49 11.25 4.54
N ARG A 447 28.65 10.63 4.43
CA ARG A 447 29.55 10.94 3.32
C ARG A 447 29.28 10.07 2.09
N TYR A 448 28.35 9.12 2.18
CA TYR A 448 28.07 8.17 1.10
C TYR A 448 28.12 8.76 -0.31
N LEU A 449 27.47 9.90 -0.53
CA LEU A 449 27.46 10.45 -1.86
C LEU A 449 28.86 10.90 -2.30
N GLU A 450 29.61 11.60 -1.44
CA GLU A 450 30.99 11.92 -1.80
C GLU A 450 31.82 10.66 -2.11
N GLU A 451 31.64 9.57 -1.34
CA GLU A 451 32.43 8.34 -1.47
C GLU A 451 31.95 7.36 -2.54
N HIS A 452 30.93 7.68 -3.32
CA HIS A 452 30.41 6.79 -4.37
C HIS A 452 29.95 7.63 -5.56
N PRO A 453 30.90 8.25 -6.29
CA PRO A 453 30.48 9.16 -7.37
C PRO A 453 29.86 8.43 -8.54
N HIS A 454 30.08 7.12 -8.64
CA HIS A 454 29.52 6.38 -9.77
C HIS A 454 27.99 6.45 -9.79
N VAL A 455 27.35 6.63 -8.63
CA VAL A 455 25.88 6.70 -8.63
C VAL A 455 25.39 7.91 -9.41
N PHE A 456 26.26 8.89 -9.66
CA PHE A 456 25.88 10.02 -10.49
C PHE A 456 26.04 9.75 -11.97
N ASP A 457 26.54 8.55 -12.34
CA ASP A 457 26.74 8.16 -13.74
C ASP A 457 25.46 7.50 -14.26
N TYR A 458 24.70 8.23 -15.09
CA TYR A 458 23.47 7.71 -15.66
C TYR A 458 23.06 8.64 -16.79
N ALA A 459 22.15 8.15 -17.64
CA ALA A 459 21.66 8.92 -18.80
C ALA A 459 20.42 9.76 -18.49
N MET B 10 16.34 -21.00 -9.88
CA MET B 10 15.47 -19.82 -10.19
C MET B 10 15.56 -19.48 -11.69
N PHE B 11 14.41 -19.27 -12.33
CA PHE B 11 14.43 -19.00 -13.78
C PHE B 11 15.27 -17.76 -14.05
N LYS B 12 15.92 -17.76 -15.22
CA LYS B 12 16.62 -16.58 -15.70
C LYS B 12 15.73 -15.63 -16.47
N LYS B 13 14.70 -16.14 -17.14
CA LYS B 13 13.84 -15.30 -17.95
C LYS B 13 12.42 -15.87 -17.87
N VAL B 14 11.43 -14.98 -17.69
CA VAL B 14 10.04 -15.39 -17.68
C VAL B 14 9.24 -14.55 -18.68
N LEU B 15 8.33 -15.21 -19.41
CA LEU B 15 7.46 -14.52 -20.36
C LEU B 15 6.06 -14.42 -19.80
N VAL B 16 5.49 -13.24 -19.86
CA VAL B 16 4.18 -12.96 -19.26
C VAL B 16 3.17 -12.97 -20.37
N ALA B 17 2.35 -14.02 -20.46
CA ALA B 17 1.40 -14.15 -21.56
C ALA B 17 0.08 -13.48 -21.19
N ASN B 18 0.17 -12.17 -20.92
CA ASN B 18 -1.00 -11.43 -20.48
C ASN B 18 -0.72 -9.95 -20.68
N ARG B 19 -1.65 -9.13 -20.24
CA ARG B 19 -1.56 -7.69 -20.40
C ARG B 19 -2.08 -7.00 -19.14
N GLY B 20 -2.00 -5.67 -19.14
CA GLY B 20 -2.69 -4.85 -18.16
C GLY B 20 -2.14 -5.04 -16.76
N GLU B 21 -3.00 -4.83 -15.76
CA GLU B 21 -2.53 -4.76 -14.38
C GLU B 21 -1.90 -6.08 -13.94
N ILE B 22 -2.43 -7.21 -14.40
CA ILE B 22 -1.90 -8.50 -13.94
C ILE B 22 -0.55 -8.80 -14.57
N ALA B 23 -0.33 -8.32 -15.80
CA ALA B 23 1.02 -8.41 -16.34
C ALA B 23 1.98 -7.55 -15.53
N CYS B 24 1.58 -6.35 -15.13
CA CYS B 24 2.48 -5.52 -14.31
C CYS B 24 2.75 -6.17 -12.93
N ARG B 25 1.73 -6.77 -12.33
CA ARG B 25 1.91 -7.48 -11.05
C ARG B 25 2.92 -8.61 -11.18
N VAL B 26 2.80 -9.41 -12.23
CA VAL B 26 3.79 -10.47 -12.41
C VAL B 26 5.16 -9.87 -12.71
N ILE B 27 5.23 -8.86 -13.57
CA ILE B 27 6.52 -8.28 -13.90
C ILE B 27 7.21 -7.76 -12.64
N ARG B 28 6.45 -7.12 -11.74
CA ARG B 28 7.02 -6.63 -10.49
C ARG B 28 7.57 -7.78 -9.64
N ALA B 29 6.78 -8.87 -9.46
CA ALA B 29 7.33 -10.02 -8.75
C ALA B 29 8.63 -10.55 -9.38
N CYS B 30 8.70 -10.62 -10.72
CA CYS B 30 9.92 -11.12 -11.35
C CYS B 30 11.10 -10.17 -11.10
N LYS B 31 10.89 -8.87 -11.28
CA LYS B 31 11.96 -7.92 -11.02
C LYS B 31 12.47 -8.04 -9.59
N GLU B 32 11.55 -8.17 -8.61
CA GLU B 32 11.97 -8.35 -7.23
C GLU B 32 12.79 -9.62 -7.05
N LEU B 33 12.46 -10.69 -7.79
CA LEU B 33 13.22 -11.94 -7.73
C LEU B 33 14.53 -11.91 -8.51
N GLY B 34 14.79 -10.85 -9.27
CA GLY B 34 15.97 -10.79 -10.10
C GLY B 34 15.82 -11.51 -11.43
N ILE B 35 14.60 -11.68 -11.89
CA ILE B 35 14.29 -12.44 -13.09
C ILE B 35 14.04 -11.49 -14.24
N GLN B 36 14.69 -11.74 -15.38
CA GLN B 36 14.41 -11.00 -16.60
C GLN B 36 13.02 -11.32 -17.12
N THR B 37 12.37 -10.33 -17.77
CA THR B 37 10.98 -10.46 -18.16
C THR B 37 10.78 -10.17 -19.64
N VAL B 38 9.82 -10.89 -20.21
CA VAL B 38 9.40 -10.67 -21.60
C VAL B 38 7.90 -10.38 -21.62
N ALA B 39 7.52 -9.28 -22.24
CA ALA B 39 6.13 -8.94 -22.47
C ALA B 39 5.71 -9.26 -23.91
N ILE B 40 4.41 -9.48 -24.11
CA ILE B 40 3.78 -9.60 -25.41
C ILE B 40 2.67 -8.57 -25.47
N TYR B 41 2.46 -8.03 -26.66
CA TYR B 41 1.43 -7.03 -26.87
C TYR B 41 0.95 -7.01 -28.31
N ASN B 42 -0.21 -6.42 -28.48
CA ASN B 42 -0.73 -6.09 -29.80
C ASN B 42 -0.43 -4.64 -30.09
N GLU B 43 -0.21 -4.39 -31.38
CA GLU B 43 0.17 -3.08 -31.87
C GLU B 43 -0.81 -1.97 -31.49
N ILE B 44 -2.08 -2.28 -31.20
CA ILE B 44 -2.98 -1.21 -30.79
C ILE B 44 -2.64 -0.66 -29.41
N GLU B 45 -1.79 -1.38 -28.68
CA GLU B 45 -1.34 -1.01 -27.35
C GLU B 45 0.17 -0.92 -27.32
N SER B 46 0.78 -0.30 -28.33
CA SER B 46 2.23 -0.27 -28.41
C SER B 46 2.88 0.47 -27.23
N THR B 47 2.13 1.34 -26.54
CA THR B 47 2.59 2.13 -25.39
C THR B 47 2.16 1.53 -24.06
N ALA B 48 1.65 0.30 -24.03
CA ALA B 48 1.10 -0.25 -22.81
C ALA B 48 2.12 -0.25 -21.67
N ARG B 49 1.63 -0.05 -20.45
CA ARG B 49 2.52 0.02 -19.28
C ARG B 49 3.35 -1.25 -19.12
N HIS B 50 2.74 -2.41 -19.31
CA HIS B 50 3.48 -3.64 -19.06
C HIS B 50 4.55 -3.85 -20.11
N VAL B 51 4.42 -3.19 -21.26
CA VAL B 51 5.46 -3.17 -22.27
C VAL B 51 6.67 -2.36 -21.77
N LYS B 52 6.43 -1.16 -21.28
CA LYS B 52 7.50 -0.32 -20.73
C LYS B 52 8.19 -1.00 -19.54
N MET B 53 7.44 -1.74 -18.72
CA MET B 53 8.04 -2.32 -17.52
C MET B 53 8.89 -3.56 -17.78
N ALA B 54 8.64 -4.27 -18.87
CA ALA B 54 9.35 -5.52 -19.11
C ALA B 54 10.77 -5.23 -19.62
N ASP B 55 11.68 -6.20 -19.43
CA ASP B 55 13.03 -6.01 -19.97
C ASP B 55 13.03 -6.16 -21.49
N GLU B 56 12.04 -6.85 -22.06
CA GLU B 56 11.95 -7.27 -23.46
C GLU B 56 10.48 -7.31 -23.82
N ALA B 57 10.12 -6.83 -25.00
CA ALA B 57 8.72 -6.86 -25.38
C ALA B 57 8.56 -7.10 -26.89
N TYR B 58 7.56 -7.90 -27.24
CA TYR B 58 7.38 -8.36 -28.62
C TYR B 58 5.94 -8.21 -29.05
N MET B 59 5.75 -7.53 -30.17
CA MET B 59 4.45 -7.42 -30.79
C MET B 59 4.22 -8.67 -31.65
N ILE B 60 3.20 -9.45 -31.29
CA ILE B 60 2.78 -10.63 -32.02
C ILE B 60 1.26 -10.59 -32.14
N GLY B 61 0.72 -11.40 -33.07
CA GLY B 61 -0.71 -11.55 -33.22
C GLY B 61 -1.36 -10.76 -34.35
N VAL B 62 -2.37 -11.35 -34.99
CA VAL B 62 -3.01 -10.69 -36.14
C VAL B 62 -4.16 -9.79 -35.75
N ASN B 63 -4.55 -9.81 -34.49
CA ASN B 63 -5.58 -8.92 -33.96
C ASN B 63 -5.45 -8.86 -32.44
N PRO B 64 -6.17 -7.97 -31.77
CA PRO B 64 -5.91 -7.75 -30.34
C PRO B 64 -6.05 -8.99 -29.48
N LEU B 65 -6.95 -9.91 -29.81
CA LEU B 65 -7.10 -11.13 -29.02
C LEU B 65 -6.16 -12.25 -29.39
N ASP B 66 -5.87 -12.40 -30.69
CA ASP B 66 -4.94 -13.43 -31.15
C ASP B 66 -3.56 -13.24 -30.53
N THR B 67 -3.21 -12.01 -30.17
CA THR B 67 -1.98 -11.79 -29.41
C THR B 67 -1.89 -12.73 -28.21
N TYR B 68 -2.96 -12.80 -27.42
CA TYR B 68 -2.87 -13.51 -26.16
C TYR B 68 -3.44 -14.90 -26.23
N LEU B 69 -4.09 -15.26 -27.33
CA LEU B 69 -4.78 -16.54 -27.42
C LEU B 69 -4.13 -17.55 -28.35
N ASN B 70 -3.09 -17.17 -29.09
CA ASN B 70 -2.43 -18.10 -30.02
C ASN B 70 -1.35 -18.85 -29.25
N ALA B 71 -1.74 -19.98 -28.67
CA ALA B 71 -0.84 -20.81 -27.87
C ALA B 71 0.46 -21.12 -28.59
N GLU B 72 0.38 -21.52 -29.86
CA GLU B 72 1.60 -21.93 -30.56
C GLU B 72 2.50 -20.73 -30.78
N ARG B 73 1.92 -19.60 -31.17
CA ARG B 73 2.75 -18.41 -31.32
C ARG B 73 3.45 -18.04 -30.02
N ILE B 74 2.81 -18.29 -28.86
CA ILE B 74 3.38 -17.86 -27.59
C ILE B 74 4.49 -18.80 -27.13
N VAL B 75 4.23 -20.12 -27.16
CA VAL B 75 5.30 -21.07 -26.80
C VAL B 75 6.49 -20.91 -27.73
N ASP B 76 6.21 -20.68 -29.01
CA ASP B 76 7.30 -20.49 -29.97
C ASP B 76 8.12 -19.23 -29.67
N LEU B 77 7.45 -18.12 -29.29
CA LEU B 77 8.23 -16.92 -28.96
C LEU B 77 9.08 -17.14 -27.72
N ALA B 78 8.53 -17.84 -26.73
CA ALA B 78 9.29 -18.21 -25.55
C ALA B 78 10.57 -18.99 -25.91
N LEU B 79 10.44 -20.00 -26.80
CA LEU B 79 11.62 -20.77 -27.20
C LEU B 79 12.62 -19.88 -27.93
N GLU B 80 12.13 -19.03 -28.84
CA GLU B 80 13.01 -18.13 -29.57
C GLU B 80 13.82 -17.26 -28.61
N VAL B 81 13.17 -16.59 -27.65
CA VAL B 81 13.89 -15.59 -26.85
C VAL B 81 14.54 -16.17 -25.61
N GLY B 82 14.43 -17.48 -25.38
CA GLY B 82 15.10 -18.11 -24.26
C GLY B 82 14.43 -17.96 -22.92
N ALA B 83 13.10 -17.86 -22.89
CA ALA B 83 12.34 -17.82 -21.66
C ALA B 83 12.05 -19.23 -21.16
N GLU B 84 12.42 -19.48 -19.91
CA GLU B 84 12.27 -20.81 -19.33
C GLU B 84 10.88 -21.09 -18.82
N ALA B 85 10.06 -20.07 -18.62
CA ALA B 85 8.75 -20.25 -18.03
C ALA B 85 7.81 -19.17 -18.55
N ILE B 86 6.52 -19.47 -18.50
CA ILE B 86 5.47 -18.55 -18.90
C ILE B 86 4.54 -18.36 -17.71
N HIS B 87 4.28 -17.09 -17.35
CA HIS B 87 3.21 -16.81 -16.42
C HIS B 87 2.00 -16.39 -17.24
N PRO B 88 0.84 -17.04 -17.09
CA PRO B 88 -0.33 -16.67 -17.90
C PRO B 88 -1.27 -15.66 -17.28
N GLY B 89 -1.08 -15.27 -16.02
CA GLY B 89 -1.98 -14.31 -15.42
C GLY B 89 -3.31 -14.97 -15.10
N TYR B 90 -4.38 -14.25 -15.40
CA TYR B 90 -5.72 -14.81 -15.36
C TYR B 90 -6.39 -14.45 -16.66
N GLY B 91 -7.46 -15.18 -16.97
CA GLY B 91 -8.08 -15.06 -18.28
C GLY B 91 -7.18 -15.57 -19.40
N PHE B 92 -7.61 -15.25 -20.62
CA PHE B 92 -6.93 -15.73 -21.82
C PHE B 92 -6.60 -17.22 -21.72
N LEU B 93 -5.33 -17.60 -21.66
CA LEU B 93 -4.94 -19.00 -21.74
C LEU B 93 -4.64 -19.63 -20.41
N ALA B 94 -4.87 -18.93 -19.29
CA ALA B 94 -4.41 -19.39 -17.99
C ALA B 94 -5.03 -20.72 -17.57
N GLU B 95 -6.29 -20.95 -17.92
CA GLU B 95 -6.92 -22.21 -17.57
C GLU B 95 -7.12 -23.08 -18.82
N ASN B 96 -6.22 -22.94 -19.78
CA ASN B 96 -6.29 -23.69 -21.03
C ASN B 96 -5.33 -24.87 -20.94
N GLU B 97 -5.88 -26.07 -20.78
CA GLU B 97 -5.03 -27.23 -20.56
C GLU B 97 -4.06 -27.45 -21.71
N HIS B 98 -4.47 -27.13 -22.94
CA HIS B 98 -3.63 -27.44 -24.09
C HIS B 98 -2.44 -26.49 -24.16
N PHE B 99 -2.62 -25.24 -23.75
CA PHE B 99 -1.48 -24.35 -23.63
C PHE B 99 -0.49 -24.86 -22.59
N ALA B 100 -0.99 -25.32 -21.44
CA ALA B 100 -0.09 -25.84 -20.42
C ALA B 100 0.62 -27.10 -20.90
N ARG B 101 -0.11 -28.00 -21.56
CA ARG B 101 0.51 -29.23 -22.07
C ARG B 101 1.58 -28.89 -23.09
N LEU B 102 1.27 -27.97 -24.01
CA LEU B 102 2.27 -27.59 -25.01
C LEU B 102 3.48 -26.95 -24.38
N CYS B 103 3.32 -26.24 -23.26
CA CYS B 103 4.51 -25.75 -22.60
C CYS B 103 5.37 -26.90 -22.13
N GLU B 104 4.77 -27.86 -21.42
CA GLU B 104 5.55 -28.98 -20.90
C GLU B 104 6.23 -29.75 -22.04
N GLU B 105 5.53 -29.90 -23.18
CA GLU B 105 6.05 -30.69 -24.30
C GLU B 105 7.26 -30.03 -24.96
N LYS B 106 7.35 -28.71 -24.90
CA LYS B 106 8.45 -27.98 -25.52
C LYS B 106 9.52 -27.61 -24.51
N GLY B 107 9.43 -28.12 -23.29
CA GLY B 107 10.44 -27.89 -22.28
C GLY B 107 10.37 -26.54 -21.59
N ILE B 108 9.24 -25.82 -21.70
CA ILE B 108 8.96 -24.57 -20.99
C ILE B 108 8.08 -24.83 -19.78
N THR B 109 8.46 -24.27 -18.64
CA THR B 109 7.65 -24.39 -17.42
C THR B 109 6.53 -23.38 -17.41
N PHE B 110 5.31 -23.89 -17.32
CA PHE B 110 4.09 -23.12 -17.17
C PHE B 110 3.81 -22.88 -15.69
N ILE B 111 3.66 -21.61 -15.33
CA ILE B 111 3.55 -21.21 -13.93
C ILE B 111 2.09 -21.35 -13.55
N GLY B 112 1.76 -22.51 -12.99
CA GLY B 112 0.41 -22.89 -12.67
C GLY B 112 0.41 -24.37 -12.33
N PRO B 113 -0.78 -24.95 -12.15
CA PRO B 113 -0.88 -26.38 -11.91
C PRO B 113 -0.55 -27.21 -13.16
N HIS B 114 -0.40 -28.51 -12.94
CA HIS B 114 -0.15 -29.45 -14.02
C HIS B 114 -1.31 -29.39 -15.02
N TRP B 115 -1.00 -29.59 -16.31
CA TRP B 115 -2.07 -29.50 -17.31
C TRP B 115 -3.22 -30.47 -17.01
N LYS B 116 -2.94 -31.65 -16.44
CA LYS B 116 -4.03 -32.62 -16.22
C LYS B 116 -5.00 -32.12 -15.17
N VAL B 117 -4.49 -31.39 -14.19
CA VAL B 117 -5.38 -30.79 -13.17
C VAL B 117 -6.18 -29.64 -13.76
N ILE B 118 -5.57 -28.82 -14.63
CA ILE B 118 -6.33 -27.75 -15.29
C ILE B 118 -7.51 -28.34 -16.06
N GLU B 119 -7.26 -29.39 -16.85
CA GLU B 119 -8.33 -30.09 -17.57
C GLU B 119 -9.36 -30.70 -16.62
N LEU B 120 -8.90 -31.39 -15.60
CA LEU B 120 -9.82 -31.97 -14.62
C LEU B 120 -10.77 -30.91 -14.07
N MET B 121 -10.24 -29.82 -13.51
CA MET B 121 -11.12 -28.89 -12.81
C MET B 121 -11.82 -27.89 -13.74
N GLY B 122 -11.53 -27.92 -15.04
CA GLY B 122 -12.28 -27.11 -15.98
C GLY B 122 -13.66 -27.65 -16.30
N ASP B 123 -13.98 -28.85 -15.86
CA ASP B 123 -15.27 -29.47 -16.14
C ASP B 123 -16.14 -29.43 -14.88
N LYS B 124 -17.31 -28.81 -14.98
CA LYS B 124 -18.15 -28.59 -13.80
C LYS B 124 -18.41 -29.86 -12.99
N ALA B 125 -19.00 -30.89 -13.64
CA ALA B 125 -19.44 -32.08 -12.89
C ALA B 125 -18.25 -32.90 -12.44
N ARG B 126 -17.28 -33.08 -13.33
CA ARG B 126 -15.94 -33.52 -12.97
C ARG B 126 -15.21 -32.36 -12.29
N SER B 127 -15.46 -32.18 -11.00
CA SER B 127 -14.96 -31.09 -10.14
C SER B 127 -15.86 -31.26 -8.94
N LYS B 128 -17.15 -31.30 -9.23
CA LYS B 128 -18.10 -31.66 -8.18
C LYS B 128 -17.76 -33.01 -7.58
N GLU B 129 -17.47 -34.02 -8.44
CA GLU B 129 -17.23 -35.35 -7.88
C GLU B 129 -15.90 -35.41 -7.12
N VAL B 130 -14.87 -34.74 -7.64
CA VAL B 130 -13.58 -34.62 -6.95
C VAL B 130 -13.79 -34.09 -5.54
N MET B 131 -14.57 -33.02 -5.44
CA MET B 131 -14.78 -32.41 -4.13
C MET B 131 -15.63 -33.28 -3.23
N LYS B 132 -16.61 -34.00 -3.81
CA LYS B 132 -17.41 -34.92 -3.03
C LYS B 132 -16.54 -36.04 -2.45
N ARG B 133 -15.63 -36.55 -3.28
CA ARG B 133 -14.78 -37.65 -2.86
C ARG B 133 -13.75 -37.21 -1.84
N ALA B 134 -13.31 -35.94 -1.90
CA ALA B 134 -12.46 -35.41 -0.84
C ALA B 134 -13.20 -35.09 0.45
N GLY B 135 -14.52 -35.01 0.44
CA GLY B 135 -15.27 -34.59 1.61
C GLY B 135 -15.65 -33.12 1.66
N VAL B 136 -15.42 -32.37 0.59
CA VAL B 136 -15.80 -30.97 0.46
C VAL B 136 -17.29 -30.89 0.17
N PRO B 137 -18.08 -30.17 0.96
CA PRO B 137 -19.53 -30.17 0.77
C PRO B 137 -19.91 -29.63 -0.60
N THR B 138 -20.90 -30.27 -1.20
CA THR B 138 -21.53 -29.80 -2.43
C THR B 138 -23.03 -29.65 -2.20
N VAL B 139 -23.74 -29.10 -3.18
CA VAL B 139 -25.17 -28.89 -2.98
C VAL B 139 -25.80 -30.28 -2.95
N PRO B 140 -26.51 -30.63 -1.88
CA PRO B 140 -27.17 -31.93 -1.83
C PRO B 140 -28.44 -32.00 -2.65
N GLY B 141 -28.75 -33.22 -3.05
CA GLY B 141 -29.96 -33.47 -3.80
C GLY B 141 -29.99 -34.92 -4.21
N SER B 142 -30.90 -35.24 -5.12
CA SER B 142 -31.06 -36.62 -5.50
C SER B 142 -29.78 -37.11 -6.17
N ASP B 143 -29.47 -38.38 -5.98
CA ASP B 143 -28.28 -38.97 -6.56
C ASP B 143 -28.63 -39.50 -7.97
N GLY B 144 -29.18 -38.60 -8.78
CA GLY B 144 -29.75 -38.96 -10.07
C GLY B 144 -31.25 -38.79 -10.09
N ILE B 145 -31.91 -39.57 -10.94
CA ILE B 145 -33.36 -39.49 -11.07
C ILE B 145 -34.02 -39.97 -9.79
N LEU B 146 -35.09 -39.28 -9.42
CA LEU B 146 -35.94 -39.66 -8.29
C LEU B 146 -36.78 -40.89 -8.62
N LYS B 147 -36.73 -41.91 -7.77
CA LYS B 147 -37.52 -43.10 -8.00
C LYS B 147 -39.00 -42.77 -8.10
N ASP B 148 -39.51 -41.92 -7.21
CA ASP B 148 -40.95 -41.62 -7.18
C ASP B 148 -41.19 -40.42 -6.27
N VAL B 149 -42.47 -40.13 -6.01
CA VAL B 149 -42.84 -39.05 -5.10
C VAL B 149 -42.44 -39.37 -3.66
N GLU B 150 -42.60 -40.61 -3.22
CA GLU B 150 -42.24 -40.92 -1.83
C GLU B 150 -40.79 -40.56 -1.60
N GLU B 151 -39.90 -41.01 -2.49
CA GLU B 151 -38.49 -40.75 -2.32
C GLU B 151 -38.19 -39.26 -2.37
N ALA B 152 -38.90 -38.51 -3.20
CA ALA B 152 -38.75 -37.07 -3.20
C ALA B 152 -39.08 -36.46 -1.84
N LYS B 153 -40.18 -36.91 -1.22
CA LYS B 153 -40.54 -36.44 0.12
C LYS B 153 -39.45 -36.76 1.14
N ARG B 154 -38.94 -37.97 1.08
CA ARG B 154 -37.91 -38.41 2.01
C ARG B 154 -36.65 -37.58 1.85
N ILE B 155 -36.16 -37.46 0.61
CA ILE B 155 -34.92 -36.76 0.36
C ILE B 155 -35.08 -35.28 0.68
N ALA B 156 -36.20 -34.67 0.30
CA ALA B 156 -36.42 -33.27 0.65
C ALA B 156 -36.35 -33.08 2.15
N LYS B 157 -37.03 -33.95 2.91
CA LYS B 157 -36.94 -33.93 4.36
C LYS B 157 -35.49 -34.01 4.82
N GLU B 158 -34.71 -34.85 4.15
CA GLU B 158 -33.35 -35.15 4.59
C GLU B 158 -32.38 -34.00 4.32
N ILE B 159 -32.54 -33.25 3.22
CA ILE B 159 -31.60 -32.18 2.90
C ILE B 159 -32.11 -30.81 3.36
N GLY B 160 -33.41 -30.70 3.68
CA GLY B 160 -34.02 -29.53 4.27
C GLY B 160 -34.68 -28.62 3.24
N TYR B 161 -35.86 -28.15 3.53
CA TYR B 161 -36.55 -27.27 2.62
C TYR B 161 -35.98 -25.85 2.73
N PRO B 162 -36.03 -25.03 1.65
CA PRO B 162 -36.64 -25.34 0.34
C PRO B 162 -35.77 -26.16 -0.62
N VAL B 163 -36.40 -26.68 -1.68
CA VAL B 163 -35.71 -27.53 -2.63
C VAL B 163 -36.22 -27.20 -4.03
N LEU B 164 -35.50 -27.70 -5.01
CA LEU B 164 -35.83 -27.47 -6.40
C LEU B 164 -36.07 -28.81 -7.05
N LEU B 165 -37.12 -28.85 -7.85
CA LEU B 165 -37.42 -29.95 -8.76
C LEU B 165 -37.23 -29.51 -10.20
N LYS B 166 -36.50 -30.33 -10.98
CA LYS B 166 -36.28 -30.04 -12.41
C LYS B 166 -36.37 -31.34 -13.24
N ALA B 167 -36.90 -31.23 -14.45
CA ALA B 167 -37.01 -32.43 -15.27
C ALA B 167 -35.62 -32.87 -15.71
N SER B 168 -35.42 -34.19 -15.78
CA SER B 168 -34.15 -34.73 -16.20
C SER B 168 -33.91 -34.63 -17.72
N ALA B 169 -34.96 -34.78 -18.52
CA ALA B 169 -34.80 -34.84 -19.97
C ALA B 169 -34.83 -33.42 -20.54
N GLY B 170 -34.66 -33.33 -21.85
CA GLY B 170 -34.81 -32.04 -22.50
C GLY B 170 -33.54 -31.24 -22.48
N GLY B 171 -32.40 -31.93 -22.39
CA GLY B 171 -31.12 -31.29 -22.34
C GLY B 171 -31.04 -30.41 -21.10
N GLY B 172 -31.18 -29.09 -21.32
CA GLY B 172 -31.14 -28.14 -20.23
C GLY B 172 -32.29 -28.35 -19.24
N GLY B 173 -33.39 -27.65 -19.48
CA GLY B 173 -34.39 -27.57 -18.44
C GLY B 173 -35.62 -26.84 -18.90
N ARG B 174 -36.75 -27.53 -18.82
CA ARG B 174 -38.05 -26.94 -19.12
C ARG B 174 -38.50 -25.96 -18.05
N GLY B 175 -37.74 -25.82 -16.97
CA GLY B 175 -38.12 -24.90 -15.93
C GLY B 175 -38.08 -25.54 -14.54
N ILE B 176 -37.46 -24.85 -13.58
CA ILE B 176 -37.23 -25.35 -12.24
C ILE B 176 -38.32 -24.83 -11.30
N ARG B 177 -38.73 -25.66 -10.34
CA ARG B 177 -39.78 -25.30 -9.40
C ARG B 177 -39.27 -25.31 -7.97
N ILE B 178 -39.54 -24.22 -7.25
CA ILE B 178 -39.14 -24.11 -5.85
C ILE B 178 -40.27 -24.67 -4.99
N CYS B 179 -39.91 -25.52 -4.05
CA CYS B 179 -40.82 -26.19 -3.11
C CYS B 179 -40.38 -25.87 -1.68
N ARG B 180 -41.24 -25.19 -0.94
CA ARG B 180 -40.94 -24.74 0.42
C ARG B 180 -41.50 -25.66 1.51
N ASN B 181 -42.47 -26.51 1.18
CA ASN B 181 -43.04 -27.47 2.12
C ASN B 181 -43.52 -28.68 1.33
N GLU B 182 -43.89 -29.75 2.04
CA GLU B 182 -44.16 -31.02 1.38
C GLU B 182 -45.33 -30.92 0.40
N GLU B 183 -46.36 -30.18 0.78
CA GLU B 183 -47.53 -30.02 -0.07
C GLU B 183 -47.12 -29.49 -1.43
N GLU B 184 -46.41 -28.36 -1.43
CA GLU B 184 -45.88 -27.74 -2.64
C GLU B 184 -44.97 -28.70 -3.38
N LEU B 185 -44.22 -29.51 -2.66
CA LEU B 185 -43.39 -30.50 -3.31
C LEU B 185 -44.23 -31.42 -4.16
N VAL B 186 -45.34 -31.93 -3.59
CA VAL B 186 -46.20 -32.86 -4.32
C VAL B 186 -46.83 -32.20 -5.55
N ARG B 187 -47.47 -31.03 -5.37
CA ARG B 187 -48.06 -30.34 -6.52
C ARG B 187 -47.02 -30.12 -7.59
N ASN B 188 -45.85 -29.66 -7.19
CA ASN B 188 -44.83 -29.33 -8.18
C ASN B 188 -44.27 -30.59 -8.82
N TYR B 189 -44.28 -31.71 -8.09
CA TYR B 189 -43.78 -32.94 -8.66
C TYR B 189 -44.73 -33.39 -9.78
N GLU B 190 -46.04 -33.33 -9.52
CA GLU B 190 -46.99 -33.70 -10.57
C GLU B 190 -46.90 -32.77 -11.77
N ASN B 191 -46.98 -31.45 -11.51
CA ASN B 191 -46.96 -30.48 -12.60
C ASN B 191 -45.72 -30.65 -13.47
N ALA B 192 -44.59 -30.87 -12.84
CA ALA B 192 -43.36 -30.97 -13.62
C ALA B 192 -43.24 -32.31 -14.33
N TYR B 193 -43.70 -33.36 -13.67
CA TYR B 193 -43.73 -34.67 -14.29
C TYR B 193 -44.58 -34.63 -15.56
N ASN B 194 -45.77 -34.04 -15.48
CA ASN B 194 -46.68 -34.06 -16.60
C ASN B 194 -46.21 -33.13 -17.69
N GLU B 195 -45.71 -31.95 -17.31
CA GLU B 195 -45.20 -31.04 -18.33
C GLU B 195 -44.00 -31.67 -19.02
N ALA B 196 -43.19 -32.43 -18.29
CA ALA B 196 -42.09 -33.12 -18.96
C ALA B 196 -42.54 -34.34 -19.78
N VAL B 197 -43.63 -35.05 -19.42
CA VAL B 197 -44.10 -36.11 -20.32
C VAL B 197 -44.55 -35.51 -21.65
N LYS B 198 -45.41 -34.49 -21.58
CA LYS B 198 -45.82 -33.73 -22.75
C LYS B 198 -44.62 -33.32 -23.60
N ALA B 199 -43.60 -32.73 -22.98
CA ALA B 199 -42.58 -32.06 -23.77
C ALA B 199 -41.54 -33.06 -24.30
N PHE B 200 -41.03 -33.95 -23.43
CA PHE B 200 -39.95 -34.86 -23.82
C PHE B 200 -40.33 -36.34 -23.79
N GLY B 201 -41.55 -36.70 -23.39
CA GLY B 201 -41.97 -38.09 -23.30
C GLY B 201 -41.59 -38.83 -22.02
N ARG B 202 -40.89 -38.20 -21.09
CA ARG B 202 -40.37 -38.88 -19.90
C ARG B 202 -40.45 -37.91 -18.72
N GLY B 203 -41.23 -38.29 -17.69
CA GLY B 203 -41.51 -37.42 -16.54
C GLY B 203 -40.45 -37.36 -15.44
N ASP B 204 -39.40 -38.17 -15.52
CA ASP B 204 -38.41 -38.31 -14.46
C ASP B 204 -37.80 -36.98 -14.00
N LEU B 205 -37.85 -36.75 -12.68
CA LEU B 205 -37.38 -35.53 -12.04
C LEU B 205 -36.12 -35.74 -11.21
N LEU B 206 -35.34 -34.67 -11.12
CA LEU B 206 -34.22 -34.55 -10.20
C LEU B 206 -34.57 -33.51 -9.15
N LEU B 207 -33.98 -33.71 -7.97
CA LEU B 207 -34.13 -32.81 -6.84
C LEU B 207 -32.80 -32.22 -6.41
N GLU B 208 -32.86 -30.98 -5.95
CA GLU B 208 -31.67 -30.26 -5.55
C GLU B 208 -32.02 -29.42 -4.33
N LYS B 209 -31.11 -29.32 -3.36
CA LYS B 209 -31.30 -28.36 -2.28
C LYS B 209 -31.24 -26.94 -2.82
N TYR B 210 -32.20 -26.10 -2.44
CA TYR B 210 -32.22 -24.70 -2.85
C TYR B 210 -31.48 -23.84 -1.83
N ILE B 211 -30.36 -23.22 -2.22
CA ILE B 211 -29.64 -22.29 -1.34
C ILE B 211 -30.12 -20.89 -1.69
N GLU B 212 -30.98 -20.36 -0.84
CA GLU B 212 -31.64 -19.09 -1.09
C GLU B 212 -30.80 -17.91 -0.64
N ASN B 213 -30.73 -16.91 -1.50
CA ASN B 213 -30.05 -15.65 -1.21
C ASN B 213 -28.63 -15.89 -0.69
N PRO B 214 -27.80 -16.57 -1.45
CA PRO B 214 -26.50 -16.96 -0.93
C PRO B 214 -25.48 -15.84 -1.03
N LYS B 215 -24.45 -16.00 -0.22
CA LYS B 215 -23.20 -15.28 -0.33
C LYS B 215 -22.22 -16.03 -1.21
N HIS B 216 -21.29 -15.29 -1.79
CA HIS B 216 -20.15 -15.88 -2.48
C HIS B 216 -18.94 -15.87 -1.54
N ILE B 217 -18.42 -17.05 -1.21
CA ILE B 217 -17.27 -17.18 -0.30
C ILE B 217 -16.29 -18.09 -1.01
N GLU B 218 -15.02 -17.70 -1.06
CA GLU B 218 -14.02 -18.47 -1.79
C GLU B 218 -12.78 -18.65 -0.96
N PHE B 219 -12.15 -19.81 -1.06
CA PHE B 219 -10.95 -20.14 -0.32
C PHE B 219 -9.76 -20.19 -1.26
N GLN B 220 -8.65 -19.71 -0.76
CA GLN B 220 -7.38 -19.66 -1.47
C GLN B 220 -6.52 -20.82 -1.01
N VAL B 221 -5.95 -21.57 -1.96
CA VAL B 221 -4.95 -22.57 -1.65
C VAL B 221 -3.67 -22.24 -2.42
N LEU B 222 -2.57 -22.75 -1.89
CA LEU B 222 -1.26 -22.62 -2.50
C LEU B 222 -0.48 -23.88 -2.17
N GLY B 223 0.08 -24.53 -3.18
CA GLY B 223 0.80 -25.77 -2.98
C GLY B 223 2.13 -25.77 -3.69
N ASP B 224 3.09 -26.49 -3.14
CA ASP B 224 4.35 -26.70 -3.85
C ASP B 224 4.31 -28.06 -4.54
N LYS B 225 5.33 -28.32 -5.40
CA LYS B 225 5.35 -29.57 -6.17
C LYS B 225 5.86 -30.76 -5.33
N TYR B 226 5.82 -30.66 -4.01
CA TYR B 226 6.24 -31.74 -3.13
C TYR B 226 5.11 -32.15 -2.21
N GLY B 227 3.87 -31.78 -2.54
CA GLY B 227 2.73 -32.12 -1.74
C GLY B 227 2.43 -31.19 -0.58
N ASN B 228 3.23 -30.15 -0.34
CA ASN B 228 2.95 -29.23 0.76
C ASN B 228 1.92 -28.19 0.27
N VAL B 229 0.76 -28.18 0.93
CA VAL B 229 -0.35 -27.35 0.47
C VAL B 229 -0.97 -26.68 1.67
N ILE B 230 -1.22 -25.37 1.57
CA ILE B 230 -1.82 -24.59 2.65
C ILE B 230 -3.02 -23.85 2.09
N HIS B 231 -3.87 -23.37 2.99
CA HIS B 231 -4.90 -22.42 2.61
C HIS B 231 -4.54 -21.05 3.16
N LEU B 232 -5.06 -20.01 2.50
CA LEU B 232 -4.80 -18.64 2.90
C LEU B 232 -6.10 -17.97 3.25
N GLY B 233 -6.96 -18.74 3.90
CA GLY B 233 -8.28 -18.34 4.33
C GLY B 233 -9.18 -18.04 3.14
N GLU B 234 -10.19 -17.25 3.42
CA GLU B 234 -11.28 -17.03 2.49
C GLU B 234 -11.44 -15.54 2.21
N ARG B 235 -12.25 -15.28 1.18
CA ARG B 235 -12.69 -13.98 0.75
C ARG B 235 -14.20 -14.05 0.53
N ASP B 236 -14.88 -12.94 0.77
CA ASP B 236 -16.30 -12.76 0.43
C ASP B 236 -16.40 -11.83 -0.76
N CYS B 237 -16.93 -12.33 -1.87
CA CYS B 237 -17.03 -11.59 -3.11
C CYS B 237 -18.49 -11.51 -3.57
N SER B 238 -19.39 -11.39 -2.59
CA SER B 238 -20.83 -11.36 -2.87
C SER B 238 -21.25 -10.12 -3.65
N ILE B 239 -20.55 -9.00 -3.49
CA ILE B 239 -20.91 -7.77 -4.17
C ILE B 239 -20.39 -7.84 -5.60
N GLN B 240 -21.31 -8.21 -6.47
CA GLN B 240 -21.06 -8.57 -7.85
C GLN B 240 -22.34 -8.29 -8.62
N ARG B 241 -22.21 -8.19 -9.94
CA ARG B 241 -23.37 -8.14 -10.80
C ARG B 241 -23.09 -9.07 -11.97
N ARG B 242 -24.00 -10.00 -12.23
CA ARG B 242 -23.86 -10.91 -13.37
C ARG B 242 -22.58 -11.72 -13.29
N ASN B 243 -22.21 -12.12 -12.07
CA ASN B 243 -21.00 -12.86 -11.78
C ASN B 243 -19.74 -12.03 -11.95
N GLN B 244 -19.85 -10.71 -12.20
CA GLN B 244 -18.67 -9.82 -12.21
C GLN B 244 -18.51 -9.21 -10.83
N LYS B 245 -17.39 -9.53 -10.19
CA LYS B 245 -17.15 -9.04 -8.83
C LYS B 245 -16.79 -7.55 -8.84
N LEU B 246 -17.37 -6.80 -7.91
CA LEU B 246 -17.08 -5.40 -7.76
C LEU B 246 -16.34 -5.08 -6.48
N VAL B 247 -16.73 -5.73 -5.36
CA VAL B 247 -16.07 -5.53 -4.08
C VAL B 247 -15.76 -6.89 -3.50
N GLU B 248 -14.53 -7.07 -3.06
CA GLU B 248 -14.08 -8.29 -2.42
C GLU B 248 -13.45 -7.94 -1.07
N ILE B 249 -13.73 -8.75 -0.04
CA ILE B 249 -13.18 -8.51 1.30
C ILE B 249 -12.47 -9.75 1.79
N ALA B 250 -11.50 -9.55 2.68
CA ALA B 250 -10.85 -10.67 3.34
C ALA B 250 -10.55 -10.28 4.79
N PRO B 251 -10.77 -11.19 5.74
CA PRO B 251 -11.47 -12.45 5.57
C PRO B 251 -12.96 -12.16 5.41
N SER B 252 -13.84 -13.15 5.29
CA SER B 252 -15.26 -12.87 5.40
C SER B 252 -15.58 -12.44 6.83
N LEU B 253 -16.70 -11.74 6.99
CA LEU B 253 -17.34 -11.53 8.28
C LEU B 253 -18.27 -12.68 8.68
N LEU B 254 -18.60 -13.57 7.72
CA LEU B 254 -19.51 -14.69 7.95
C LEU B 254 -18.90 -15.75 8.87
N LEU B 255 -17.66 -16.12 8.61
CA LEU B 255 -17.06 -17.29 9.20
C LEU B 255 -16.30 -16.95 10.48
N THR B 256 -16.37 -17.86 11.44
CA THR B 256 -15.55 -17.81 12.63
C THR B 256 -14.22 -18.48 12.35
N PRO B 257 -13.26 -18.29 13.25
CA PRO B 257 -11.98 -18.98 13.07
C PRO B 257 -12.12 -20.50 12.98
N GLU B 258 -13.08 -21.06 13.69
CA GLU B 258 -13.23 -22.51 13.66
C GLU B 258 -13.74 -22.96 12.31
N GLN B 259 -14.80 -22.32 11.81
CA GLN B 259 -15.27 -22.58 10.44
C GLN B 259 -14.15 -22.36 9.42
N ARG B 260 -13.41 -21.25 9.56
CA ARG B 260 -12.36 -20.95 8.61
C ARG B 260 -11.35 -22.09 8.52
N GLU B 261 -10.92 -22.61 9.67
CA GLU B 261 -9.94 -23.70 9.62
C GLU B 261 -10.57 -25.01 9.19
N TYR B 262 -11.87 -25.19 9.45
CA TYR B 262 -12.53 -26.43 9.05
C TYR B 262 -12.62 -26.54 7.54
N TYR B 263 -13.24 -25.53 6.90
CA TYR B 263 -13.31 -25.50 5.44
C TYR B 263 -11.92 -25.41 4.82
N GLY B 264 -11.02 -24.60 5.40
CA GLY B 264 -9.65 -24.53 4.89
C GLY B 264 -8.98 -25.89 4.88
N SER B 265 -9.11 -26.63 5.98
CA SER B 265 -8.63 -28.01 6.02
C SER B 265 -9.22 -28.85 4.90
N LEU B 266 -10.53 -28.72 4.67
CA LEU B 266 -11.15 -29.51 3.63
C LEU B 266 -10.60 -29.20 2.23
N VAL B 267 -10.40 -27.92 1.90
CA VAL B 267 -9.89 -27.63 0.56
C VAL B 267 -8.43 -28.03 0.45
N VAL B 268 -7.68 -27.96 1.54
CA VAL B 268 -6.31 -28.50 1.50
C VAL B 268 -6.36 -30.00 1.22
N LYS B 269 -7.29 -30.69 1.88
CA LYS B 269 -7.42 -32.13 1.70
C LYS B 269 -7.71 -32.47 0.25
N ALA B 270 -8.70 -31.78 -0.34
CA ALA B 270 -9.05 -31.98 -1.74
C ALA B 270 -7.91 -31.61 -2.68
N ALA B 271 -7.22 -30.50 -2.44
CA ALA B 271 -6.13 -30.11 -3.34
C ALA B 271 -5.03 -31.15 -3.34
N LYS B 272 -4.71 -31.67 -2.16
CA LYS B 272 -3.71 -32.74 -2.05
C LYS B 272 -4.14 -33.99 -2.80
N GLU B 273 -5.43 -34.33 -2.77
CA GLU B 273 -5.88 -35.55 -3.45
C GLU B 273 -5.76 -35.46 -4.97
N ILE B 274 -5.92 -34.27 -5.57
CA ILE B 274 -5.73 -34.14 -7.02
C ILE B 274 -4.32 -33.71 -7.38
N GLY B 275 -3.45 -33.57 -6.38
CA GLY B 275 -2.08 -33.17 -6.63
C GLY B 275 -1.92 -31.73 -7.03
N TYR B 276 -2.81 -30.86 -6.56
CA TYR B 276 -2.73 -29.45 -6.90
C TYR B 276 -1.41 -28.83 -6.43
N TYR B 277 -0.80 -28.02 -7.30
CA TYR B 277 0.26 -27.10 -6.88
C TYR B 277 0.08 -25.78 -7.63
N SER B 278 0.85 -24.77 -7.22
CA SER B 278 0.66 -23.38 -7.59
C SER B 278 -0.52 -22.80 -6.82
N ALA B 279 -1.13 -21.74 -7.36
CA ALA B 279 -2.24 -21.08 -6.70
C ALA B 279 -3.57 -21.57 -7.25
N GLY B 280 -4.58 -21.68 -6.38
CA GLY B 280 -5.93 -21.99 -6.82
C GLY B 280 -6.99 -21.49 -5.87
N THR B 281 -8.21 -21.40 -6.37
CA THR B 281 -9.33 -20.87 -5.60
C THR B 281 -10.53 -21.82 -5.69
N MET B 282 -11.12 -22.15 -4.55
CA MET B 282 -12.39 -22.88 -4.53
C MET B 282 -13.49 -21.90 -4.17
N GLU B 283 -14.40 -21.69 -5.09
CA GLU B 283 -15.52 -20.79 -4.88
C GLU B 283 -16.73 -21.59 -4.41
N PHE B 284 -17.40 -21.06 -3.38
CA PHE B 284 -18.58 -21.61 -2.73
C PHE B 284 -19.70 -20.59 -2.67
N ILE B 285 -20.93 -21.09 -2.57
CA ILE B 285 -22.07 -20.30 -2.13
C ILE B 285 -22.29 -20.65 -0.66
N ALA B 286 -22.80 -19.71 0.10
CA ALA B 286 -22.90 -19.87 1.53
C ALA B 286 -24.24 -19.35 2.03
N ASP B 287 -24.80 -20.02 3.01
CA ASP B 287 -26.03 -19.52 3.64
C ASP B 287 -25.66 -18.68 4.86
N GLU B 288 -26.67 -18.07 5.46
CA GLU B 288 -26.49 -17.15 6.60
C GLU B 288 -25.69 -17.77 7.76
N LYS B 289 -25.71 -19.09 7.88
CA LYS B 289 -25.18 -19.79 9.05
C LYS B 289 -23.76 -20.27 8.83
N GLY B 290 -23.20 -20.02 7.65
CA GLY B 290 -21.86 -20.48 7.39
C GLY B 290 -21.75 -21.84 6.77
N ASN B 291 -22.87 -22.44 6.36
CA ASN B 291 -22.76 -23.65 5.54
C ASN B 291 -22.34 -23.24 4.14
N LEU B 292 -21.27 -23.87 3.65
CA LEU B 292 -20.77 -23.61 2.31
C LEU B 292 -21.03 -24.81 1.39
N TYR B 293 -21.20 -24.53 0.09
CA TYR B 293 -21.31 -25.56 -0.92
C TYR B 293 -20.42 -25.23 -2.12
N PHE B 294 -19.66 -26.22 -2.58
CA PHE B 294 -18.68 -25.97 -3.65
C PHE B 294 -19.37 -25.73 -4.99
N ILE B 295 -18.93 -24.69 -5.69
CA ILE B 295 -19.41 -24.36 -7.03
C ILE B 295 -18.32 -24.59 -8.08
N GLU B 296 -17.14 -24.03 -7.87
CA GLU B 296 -16.16 -24.28 -8.93
C GLU B 296 -14.80 -23.88 -8.43
N MET B 297 -13.79 -24.36 -9.14
CA MET B 297 -12.41 -24.08 -8.81
C MET B 297 -11.76 -23.37 -9.98
N ASN B 298 -11.04 -22.29 -9.69
CA ASN B 298 -10.15 -21.63 -10.66
C ASN B 298 -8.73 -22.10 -10.43
N THR B 299 -8.12 -22.55 -11.50
CA THR B 299 -6.79 -23.14 -11.45
C THR B 299 -5.73 -22.17 -11.97
N ARG B 300 -5.68 -21.04 -11.29
CA ARG B 300 -4.90 -19.86 -11.66
C ARG B 300 -4.94 -18.87 -10.50
N ILE B 301 -4.14 -17.81 -10.64
CA ILE B 301 -4.24 -16.68 -9.72
C ILE B 301 -5.62 -16.06 -9.86
N GLN B 302 -6.18 -15.65 -8.73
CA GLN B 302 -7.44 -14.91 -8.67
C GLN B 302 -7.17 -13.42 -8.84
N VAL B 303 -8.13 -12.72 -9.45
CA VAL B 303 -7.99 -11.29 -9.61
C VAL B 303 -7.81 -10.60 -8.25
N GLU B 304 -8.61 -10.99 -7.27
CA GLU B 304 -8.69 -10.32 -5.99
C GLU B 304 -7.72 -10.90 -4.95
N HIS B 305 -6.71 -11.61 -5.38
CA HIS B 305 -5.74 -12.17 -4.48
C HIS B 305 -5.13 -11.11 -3.54
N PRO B 306 -5.01 -9.82 -3.91
CA PRO B 306 -4.34 -8.89 -2.97
C PRO B 306 -5.00 -8.82 -1.60
N VAL B 307 -6.32 -8.93 -1.46
CA VAL B 307 -6.90 -8.82 -0.13
C VAL B 307 -6.38 -9.94 0.77
N THR B 308 -6.20 -11.13 0.21
CA THR B 308 -5.65 -12.23 0.98
C THR B 308 -4.20 -11.95 1.34
N GLU B 309 -3.44 -11.44 0.40
CA GLU B 309 -2.08 -11.02 0.71
C GLU B 309 -2.05 -10.02 1.87
N MET B 310 -3.00 -9.09 1.94
CA MET B 310 -2.87 -8.06 2.97
C MET B 310 -3.08 -8.65 4.36
N ILE B 311 -3.91 -9.69 4.47
CA ILE B 311 -4.23 -10.15 5.82
C ILE B 311 -3.34 -11.29 6.28
N THR B 312 -2.62 -11.96 5.37
CA THR B 312 -1.75 -13.08 5.73
C THR B 312 -0.27 -12.73 5.60
N GLY B 313 0.10 -11.70 4.86
CA GLY B 313 1.50 -11.43 4.58
C GLY B 313 2.13 -12.27 3.49
N VAL B 314 1.38 -13.12 2.81
CA VAL B 314 1.94 -14.05 1.84
C VAL B 314 1.86 -13.42 0.44
N ASP B 315 2.99 -13.40 -0.25
CA ASP B 315 3.09 -12.91 -1.63
C ASP B 315 2.75 -14.06 -2.59
N ILE B 316 1.51 -14.11 -3.05
CA ILE B 316 1.02 -15.29 -3.77
C ILE B 316 1.70 -15.41 -5.14
N VAL B 317 1.80 -14.31 -5.89
CA VAL B 317 2.38 -14.40 -7.23
C VAL B 317 3.85 -14.78 -7.17
N LYS B 318 4.59 -14.16 -6.25
CA LYS B 318 6.00 -14.48 -6.15
C LYS B 318 6.21 -15.94 -5.74
N TRP B 319 5.32 -16.46 -4.90
CA TRP B 319 5.37 -17.87 -4.55
C TRP B 319 4.92 -18.78 -5.69
N GLN B 320 4.03 -18.34 -6.59
CA GLN B 320 3.80 -19.15 -7.80
C GLN B 320 5.10 -19.30 -8.56
N ILE B 321 5.80 -18.18 -8.75
CA ILE B 321 7.02 -18.28 -9.53
C ILE B 321 8.04 -19.18 -8.82
N ARG B 322 8.20 -19.00 -7.51
CA ARG B 322 9.16 -19.83 -6.78
C ARG B 322 8.79 -21.31 -6.87
N ILE B 323 7.51 -21.62 -6.67
CA ILE B 323 7.04 -23.00 -6.69
C ILE B 323 7.28 -23.61 -8.07
N ALA B 324 6.99 -22.87 -9.13
CA ALA B 324 7.18 -23.40 -10.46
C ALA B 324 8.64 -23.75 -10.71
N ALA B 325 9.55 -22.98 -10.13
CA ALA B 325 10.98 -23.22 -10.27
C ALA B 325 11.48 -24.34 -9.35
N GLY B 326 10.61 -24.95 -8.57
CA GLY B 326 10.96 -26.12 -7.79
C GLY B 326 11.22 -25.89 -6.31
N GLU B 327 11.12 -24.65 -5.84
CA GLU B 327 11.28 -24.36 -4.41
C GLU B 327 10.15 -24.96 -3.57
N ARG B 328 10.50 -25.22 -2.32
CA ARG B 328 9.51 -25.65 -1.34
C ARG B 328 8.78 -24.46 -0.77
N LEU B 329 7.48 -24.64 -0.56
CA LEU B 329 6.70 -23.67 0.19
C LEU B 329 7.20 -23.62 1.62
N ARG B 330 7.76 -22.48 2.04
CA ARG B 330 8.26 -22.29 3.41
C ARG B 330 7.13 -21.75 4.32
N TYR B 331 6.11 -22.60 4.51
CA TYR B 331 5.04 -22.31 5.46
C TYR B 331 4.38 -23.61 5.91
N SER B 332 4.00 -23.66 7.17
CA SER B 332 3.05 -24.63 7.65
C SER B 332 1.73 -23.90 7.93
N GLN B 333 0.63 -24.65 7.96
CA GLN B 333 -0.64 -23.98 8.19
C GLN B 333 -0.62 -23.21 9.50
N GLU B 334 0.17 -23.66 10.46
CA GLU B 334 0.23 -23.00 11.77
C GLU B 334 0.77 -21.59 11.62
N ASP B 335 1.59 -21.36 10.60
CA ASP B 335 2.16 -20.04 10.38
C ASP B 335 1.14 -19.06 9.81
N ILE B 336 0.04 -19.53 9.25
CA ILE B 336 -0.88 -18.65 8.54
C ILE B 336 -1.82 -18.05 9.55
N ARG B 337 -1.72 -16.75 9.71
CA ARG B 337 -2.57 -15.98 10.58
C ARG B 337 -3.34 -14.97 9.75
N PHE B 338 -4.47 -14.54 10.30
CA PHE B 338 -5.39 -13.65 9.62
C PHE B 338 -5.50 -12.40 10.48
N ASN B 339 -4.92 -11.32 9.99
CA ASN B 339 -4.73 -10.08 10.74
C ASN B 339 -5.46 -8.93 10.05
N GLY B 340 -6.45 -8.38 10.72
CA GLY B 340 -7.15 -7.25 10.19
C GLY B 340 -8.07 -7.64 9.03
N TYR B 341 -8.47 -6.62 8.28
CA TYR B 341 -9.39 -6.73 7.17
C TYR B 341 -8.90 -5.91 5.98
N SER B 342 -9.16 -6.45 4.78
CA SER B 342 -8.73 -5.87 3.52
C SER B 342 -9.91 -5.81 2.56
N ILE B 343 -10.09 -4.66 1.92
CA ILE B 343 -11.15 -4.45 0.95
C ILE B 343 -10.49 -4.10 -0.38
N GLU B 344 -10.99 -4.73 -1.46
CA GLU B 344 -10.61 -4.40 -2.85
C GLU B 344 -11.86 -3.98 -3.59
N CYS B 345 -11.72 -2.91 -4.38
CA CYS B 345 -12.75 -2.43 -5.26
C CYS B 345 -12.21 -2.39 -6.69
N ARG B 346 -13.02 -2.89 -7.62
CA ARG B 346 -12.66 -2.82 -9.04
C ARG B 346 -13.09 -1.49 -9.60
N ILE B 347 -12.11 -0.76 -10.10
CA ILE B 347 -12.32 0.51 -10.75
C ILE B 347 -12.39 0.17 -12.25
N ASN B 348 -13.61 0.11 -12.77
CA ASN B 348 -13.86 -0.30 -14.14
C ASN B 348 -14.32 0.89 -14.95
N ALA B 349 -13.94 0.89 -16.23
CA ALA B 349 -14.51 1.84 -17.20
C ALA B 349 -15.86 1.30 -17.69
N GLU B 350 -16.87 1.46 -16.83
CA GLU B 350 -18.22 1.10 -17.19
C GLU B 350 -19.16 2.02 -16.43
N ASP B 351 -20.41 2.05 -16.89
CA ASP B 351 -21.39 3.02 -16.39
C ASP B 351 -22.43 2.28 -15.58
N PRO B 352 -22.37 2.31 -14.25
CA PRO B 352 -23.35 1.55 -13.45
C PRO B 352 -24.80 1.99 -13.60
N LYS B 353 -25.06 3.24 -14.01
CA LYS B 353 -26.43 3.65 -14.25
C LYS B 353 -27.02 3.03 -15.52
N LYS B 354 -26.18 2.57 -16.46
CA LYS B 354 -26.71 1.94 -17.67
C LYS B 354 -26.25 0.50 -17.79
N GLY B 355 -26.58 -0.30 -16.79
CA GLY B 355 -26.26 -1.72 -16.82
C GLY B 355 -24.79 -2.03 -16.90
N PHE B 356 -23.93 -1.09 -16.45
CA PHE B 356 -22.48 -1.29 -16.47
C PHE B 356 -21.95 -1.37 -17.90
N ALA B 357 -22.59 -0.65 -18.79
CA ALA B 357 -22.15 -0.58 -20.17
C ALA B 357 -20.73 -0.05 -20.25
N PRO B 358 -19.85 -0.71 -21.00
CA PRO B 358 -18.45 -0.26 -21.09
C PRO B 358 -18.36 1.18 -21.59
N SER B 359 -17.35 1.88 -21.10
CA SER B 359 -17.18 3.29 -21.40
C SER B 359 -15.85 3.40 -22.13
N ILE B 360 -15.88 3.32 -23.43
CA ILE B 360 -14.60 3.33 -24.14
C ILE B 360 -14.23 4.78 -24.42
N GLY B 361 -12.93 5.05 -24.44
CA GLY B 361 -12.48 6.42 -24.41
C GLY B 361 -11.06 6.50 -23.87
N THR B 362 -10.67 7.73 -23.53
CA THR B 362 -9.29 8.03 -23.18
C THR B 362 -9.28 8.71 -21.81
N ILE B 363 -8.45 8.19 -20.91
CA ILE B 363 -8.29 8.77 -19.59
C ILE B 363 -7.63 10.14 -19.75
N GLU B 364 -8.25 11.17 -19.15
CA GLU B 364 -7.72 12.51 -19.15
C GLU B 364 -7.12 12.78 -17.77
N ARG B 365 -7.93 13.20 -16.79
CA ARG B 365 -7.43 13.38 -15.43
C ARG B 365 -7.27 12.03 -14.74
N TYR B 366 -6.19 11.91 -13.94
CA TYR B 366 -5.78 10.63 -13.39
C TYR B 366 -4.83 10.86 -12.21
N TYR B 367 -5.36 10.78 -11.00
CA TYR B 367 -4.61 10.90 -9.78
C TYR B 367 -4.80 9.65 -8.95
N VAL B 368 -3.70 8.95 -8.69
CA VAL B 368 -3.72 7.70 -7.91
C VAL B 368 -3.66 7.98 -6.41
N PRO B 369 -4.54 7.42 -5.59
CA PRO B 369 -4.41 7.54 -4.14
C PRO B 369 -3.28 6.73 -3.54
N GLY B 370 -2.74 7.27 -2.45
CA GLY B 370 -1.79 6.50 -1.64
C GLY B 370 -1.86 6.88 -0.17
N GLY B 371 -1.30 6.02 0.65
CA GLY B 371 -1.19 6.28 2.06
C GLY B 371 -0.99 5.01 2.84
N PHE B 372 -1.04 5.18 4.15
CA PHE B 372 -0.99 4.06 5.09
C PHE B 372 -2.21 3.16 4.84
N GLY B 373 -1.95 1.89 4.59
CA GLY B 373 -2.95 0.90 4.35
C GLY B 373 -3.56 0.91 2.96
N ILE B 374 -2.94 1.62 2.00
CA ILE B 374 -3.46 1.72 0.63
C ILE B 374 -2.46 1.10 -0.33
N ARG B 375 -2.97 0.28 -1.23
CA ARG B 375 -2.22 -0.40 -2.27
C ARG B 375 -3.00 -0.25 -3.57
N VAL B 376 -2.32 0.02 -4.69
CA VAL B 376 -2.94 0.20 -6.00
C VAL B 376 -2.32 -0.75 -7.01
N GLU B 377 -3.15 -1.52 -7.70
CA GLU B 377 -2.71 -2.37 -8.78
C GLU B 377 -3.28 -1.78 -10.05
N HIS B 378 -2.43 -1.23 -10.90
CA HIS B 378 -2.94 -0.53 -12.06
C HIS B 378 -1.85 -0.45 -13.12
N ALA B 379 -2.28 -0.10 -14.35
CA ALA B 379 -1.40 0.04 -15.50
C ALA B 379 -1.79 1.25 -16.33
N SER B 380 -2.41 2.23 -15.70
CA SER B 380 -2.92 3.39 -16.43
C SER B 380 -2.23 4.68 -15.99
N SER B 381 -2.18 5.62 -16.93
CA SER B 381 -1.87 7.03 -16.71
C SER B 381 -2.69 7.82 -17.73
N LYS B 382 -2.53 9.13 -17.73
CA LYS B 382 -3.15 9.94 -18.78
C LYS B 382 -2.80 9.41 -20.16
N GLY B 383 -3.81 9.39 -21.04
CA GLY B 383 -3.66 8.90 -22.40
C GLY B 383 -3.99 7.43 -22.56
N TYR B 384 -4.23 6.71 -21.46
CA TYR B 384 -4.61 5.31 -21.53
C TYR B 384 -5.97 5.18 -22.24
N GLU B 385 -6.05 4.30 -23.21
CA GLU B 385 -7.22 4.18 -24.06
C GLU B 385 -7.92 2.91 -23.67
N ILE B 386 -9.21 3.03 -23.34
CA ILE B 386 -10.05 1.87 -23.05
C ILE B 386 -10.63 1.47 -24.40
N THR B 387 -10.24 0.32 -24.91
CA THR B 387 -10.78 -0.16 -26.17
C THR B 387 -11.85 -1.18 -25.91
N PRO B 388 -12.64 -1.51 -26.93
CA PRO B 388 -13.61 -2.61 -26.81
C PRO B 388 -12.97 -3.98 -26.80
N TYR B 389 -11.67 -4.09 -27.00
CA TYR B 389 -11.10 -5.42 -27.13
C TYR B 389 -10.83 -6.08 -25.81
N TYR B 390 -10.57 -5.31 -24.77
CA TYR B 390 -10.09 -5.90 -23.54
C TYR B 390 -11.05 -5.55 -22.42
N ASP B 391 -10.90 -6.24 -21.30
CA ASP B 391 -11.82 -5.99 -20.20
C ASP B 391 -11.70 -4.54 -19.73
N SER B 392 -12.71 -4.09 -19.00
CA SER B 392 -12.89 -2.69 -18.67
C SER B 392 -12.07 -2.23 -17.46
N LEU B 393 -11.26 -3.08 -16.86
CA LEU B 393 -10.60 -2.75 -15.60
C LEU B 393 -9.52 -1.67 -15.78
N ILE B 394 -9.66 -0.58 -15.05
CA ILE B 394 -8.61 0.43 -14.92
C ILE B 394 -7.71 0.14 -13.74
N ALA B 395 -8.27 -0.13 -12.55
CA ALA B 395 -7.39 -0.31 -11.40
C ALA B 395 -8.06 -1.17 -10.35
N LYS B 396 -7.26 -1.84 -9.53
CA LYS B 396 -7.74 -2.47 -8.32
C LYS B 396 -7.23 -1.64 -7.14
N LEU B 397 -8.16 -1.06 -6.39
CA LEU B 397 -7.83 -0.27 -5.21
C LEU B 397 -8.04 -1.16 -4.01
N ILE B 398 -6.98 -1.34 -3.22
CA ILE B 398 -6.98 -2.25 -2.09
C ILE B 398 -6.59 -1.49 -0.81
N VAL B 399 -7.29 -1.76 0.28
CA VAL B 399 -6.95 -1.19 1.57
C VAL B 399 -6.87 -2.30 2.60
N TRP B 400 -6.18 -1.98 3.70
CA TRP B 400 -6.04 -2.83 4.85
C TRP B 400 -6.20 -1.96 6.09
N ALA B 401 -6.82 -2.49 7.13
CA ALA B 401 -6.88 -1.84 8.43
C ALA B 401 -7.07 -2.91 9.48
N PRO B 402 -6.74 -2.61 10.75
CA PRO B 402 -6.95 -3.60 11.82
C PRO B 402 -8.41 -3.91 12.09
N LEU B 403 -9.34 -3.00 11.82
CA LEU B 403 -10.74 -3.15 12.16
C LEU B 403 -11.60 -2.96 10.91
N TRP B 404 -12.67 -3.74 10.83
CA TRP B 404 -13.55 -3.73 9.67
C TRP B 404 -14.01 -2.30 9.34
N GLU B 405 -14.52 -1.58 10.34
CA GLU B 405 -15.09 -0.27 10.09
C GLU B 405 -14.04 0.72 9.58
N VAL B 406 -12.81 0.63 10.10
CA VAL B 406 -11.72 1.50 9.67
C VAL B 406 -11.34 1.16 8.24
N ALA B 407 -11.38 -0.13 7.89
CA ALA B 407 -11.13 -0.52 6.51
C ALA B 407 -12.15 0.10 5.56
N VAL B 408 -13.42 0.08 5.95
CA VAL B 408 -14.45 0.72 5.15
C VAL B 408 -14.20 2.22 5.01
N ASP B 409 -13.91 2.91 6.13
CA ASP B 409 -13.63 4.34 6.06
C ASP B 409 -12.43 4.63 5.18
N ARG B 410 -11.37 3.83 5.31
CA ARG B 410 -10.17 4.02 4.50
C ARG B 410 -10.44 3.80 3.01
N MET B 411 -11.23 2.78 2.66
CA MET B 411 -11.63 2.58 1.25
C MET B 411 -12.50 3.74 0.76
N ARG B 412 -13.44 4.20 1.57
CA ARG B 412 -14.25 5.36 1.19
C ARG B 412 -13.37 6.58 0.92
N SER B 413 -12.43 6.87 1.84
CA SER B 413 -11.62 8.06 1.72
C SER B 413 -10.65 7.94 0.58
N ALA B 414 -10.21 6.72 0.28
CA ALA B 414 -9.35 6.53 -0.88
C ALA B 414 -10.13 6.73 -2.18
N LEU B 415 -11.31 6.11 -2.30
CA LEU B 415 -12.15 6.29 -3.49
C LEU B 415 -12.50 7.75 -3.72
N GLU B 416 -12.85 8.47 -2.65
CA GLU B 416 -13.23 9.87 -2.82
C GLU B 416 -12.08 10.71 -3.34
N THR B 417 -10.86 10.20 -3.33
CA THR B 417 -9.70 10.94 -3.83
C THR B 417 -9.16 10.39 -5.13
N TYR B 418 -9.72 9.29 -5.64
CA TYR B 418 -9.27 8.70 -6.89
C TYR B 418 -9.96 9.43 -8.06
N GLU B 419 -9.23 10.30 -8.74
CA GLU B 419 -9.77 11.14 -9.80
C GLU B 419 -9.49 10.46 -11.13
N ILE B 420 -10.56 10.16 -11.87
CA ILE B 420 -10.51 9.65 -13.24
C ILE B 420 -11.55 10.40 -14.07
N SER B 421 -11.11 11.04 -15.16
CA SER B 421 -12.01 11.63 -16.16
C SER B 421 -11.62 11.10 -17.54
N GLY B 422 -12.52 11.32 -18.49
CA GLY B 422 -12.36 10.79 -19.84
C GLY B 422 -13.23 9.57 -20.11
N VAL B 423 -13.63 8.85 -19.06
CA VAL B 423 -14.55 7.72 -19.18
C VAL B 423 -15.36 7.69 -17.90
N LYS B 424 -16.51 7.03 -17.94
CA LYS B 424 -17.27 6.77 -16.72
C LYS B 424 -16.62 5.62 -15.96
N THR B 425 -16.80 5.62 -14.64
CA THR B 425 -16.23 4.55 -13.85
C THR B 425 -17.23 4.13 -12.79
N THR B 426 -16.88 3.05 -12.12
CA THR B 426 -17.63 2.49 -11.00
C THR B 426 -17.32 3.20 -9.67
N ILE B 427 -16.49 4.27 -9.69
CA ILE B 427 -16.05 4.92 -8.43
C ILE B 427 -17.22 5.51 -7.64
N PRO B 428 -18.09 6.33 -8.22
CA PRO B 428 -19.23 6.86 -7.43
C PRO B 428 -20.13 5.77 -6.85
N LEU B 429 -20.41 4.70 -7.60
CA LEU B 429 -21.18 3.59 -7.02
C LEU B 429 -20.47 2.99 -5.82
N LEU B 430 -19.15 2.79 -5.95
CA LEU B 430 -18.36 2.17 -4.90
C LEU B 430 -18.33 3.02 -3.64
N ILE B 431 -18.20 4.34 -3.82
CA ILE B 431 -18.31 5.28 -2.70
C ILE B 431 -19.66 5.11 -1.99
N ASN B 432 -20.77 5.07 -2.77
CA ASN B 432 -22.09 4.84 -2.16
C ASN B 432 -22.16 3.51 -1.41
N ILE B 433 -21.49 2.49 -1.89
CA ILE B 433 -21.50 1.23 -1.17
C ILE B 433 -20.77 1.36 0.17
N MET B 434 -19.61 2.02 0.19
CA MET B 434 -18.85 2.18 1.41
C MET B 434 -19.66 2.98 2.43
N LYS B 435 -20.49 3.91 1.97
CA LYS B 435 -21.32 4.73 2.83
C LYS B 435 -22.63 4.06 3.24
N ASP B 436 -22.96 2.90 2.70
CA ASP B 436 -24.25 2.27 2.96
C ASP B 436 -24.26 1.56 4.30
N LYS B 437 -25.33 1.76 5.07
CA LYS B 437 -25.40 1.21 6.42
C LYS B 437 -25.36 -0.32 6.39
N ASP B 438 -26.12 -0.95 5.50
CA ASP B 438 -26.06 -2.41 5.41
C ASP B 438 -24.65 -2.90 5.15
N PHE B 439 -23.95 -2.32 4.17
CA PHE B 439 -22.58 -2.76 3.89
C PHE B 439 -21.69 -2.60 5.12
N ARG B 440 -21.73 -1.42 5.76
CA ARG B 440 -20.93 -1.18 6.96
C ARG B 440 -21.23 -2.21 8.04
N ASP B 441 -22.48 -2.68 8.12
CA ASP B 441 -22.88 -3.65 9.14
C ASP B 441 -22.64 -5.07 8.71
N GLY B 442 -21.95 -5.29 7.58
CA GLY B 442 -21.66 -6.64 7.15
C GLY B 442 -22.80 -7.37 6.51
N LYS B 443 -23.91 -6.69 6.21
CA LYS B 443 -25.13 -7.33 5.72
C LYS B 443 -25.21 -7.20 4.21
N PHE B 444 -24.71 -8.20 3.51
CA PHE B 444 -24.83 -8.23 2.07
C PHE B 444 -24.70 -9.65 1.55
N THR B 445 -25.48 -9.96 0.52
CA THR B 445 -25.40 -11.20 -0.22
C THR B 445 -25.15 -10.86 -1.69
N THR B 446 -24.92 -11.87 -2.52
CA THR B 446 -25.04 -11.58 -3.93
C THR B 446 -26.45 -11.05 -4.01
N ARG B 447 -26.76 -10.21 -4.95
CA ARG B 447 -28.09 -9.59 -4.92
C ARG B 447 -28.08 -8.32 -4.10
N TYR B 448 -27.00 -8.05 -3.32
CA TYR B 448 -26.86 -6.76 -2.68
C TYR B 448 -27.27 -5.60 -3.57
N LEU B 449 -26.76 -5.56 -4.80
CA LEU B 449 -27.09 -4.43 -5.66
C LEU B 449 -28.58 -4.38 -5.98
N GLU B 450 -29.19 -5.51 -6.32
CA GLU B 450 -30.64 -5.50 -6.56
C GLU B 450 -31.41 -4.99 -5.34
N GLU B 451 -30.96 -5.34 -4.15
CA GLU B 451 -31.67 -4.98 -2.93
C GLU B 451 -31.29 -3.61 -2.38
N HIS B 452 -30.41 -2.85 -3.05
CA HIS B 452 -29.99 -1.53 -2.59
C HIS B 452 -29.87 -0.58 -3.76
N PRO B 453 -30.98 -0.23 -4.39
CA PRO B 453 -30.89 0.60 -5.60
C PRO B 453 -30.42 2.01 -5.37
N HIS B 454 -30.48 2.48 -4.12
CA HIS B 454 -30.06 3.84 -3.83
C HIS B 454 -28.57 4.05 -4.14
N VAL B 455 -27.76 2.99 -4.09
CA VAL B 455 -26.35 3.21 -4.39
C VAL B 455 -26.15 3.63 -5.82
N PHE B 456 -27.17 3.48 -6.69
CA PHE B 456 -27.01 3.99 -8.05
C PHE B 456 -27.34 5.47 -8.16
N ASP B 457 -27.76 6.13 -7.08
CA ASP B 457 -28.10 7.55 -7.07
C ASP B 457 -26.83 8.38 -6.81
N TYR B 458 -26.38 9.15 -7.80
CA TYR B 458 -25.25 10.05 -7.60
C TYR B 458 -25.20 11.07 -8.74
N ALA B 459 -24.39 12.11 -8.57
CA ALA B 459 -24.38 13.24 -9.49
C ALA B 459 -23.55 12.94 -10.75
N GLU B 460 -24.20 13.06 -11.93
CA GLU B 460 -23.62 12.97 -13.29
C GLU B 460 -22.47 11.97 -13.43
#